data_8DIR
#
_entry.id   8DIR
#
_cell.length_a   204.286
_cell.length_b   89.276
_cell.length_c   56.032
_cell.angle_alpha   90.000
_cell.angle_beta   97.720
_cell.angle_gamma   90.000
#
_symmetry.space_group_name_H-M   'C 1 2 1'
#
loop_
_entity.id
_entity.type
_entity.pdbx_description
1 polymer 'Ig gamma-1 Fc chain'
2 polymer 'High affinity immunoglobulin gamma Fc receptor I'
3 branched beta-D-galactopyranose-(1-4)-2-acetamido-2-deoxy-beta-D-glucopyranose-(1-2)-alpha-D-mannopyranose-(1-6)-[2-acetamido-2-deoxy-beta-D-glucopyranose-(1-2)-alpha-D-mannopyranose-(1-3)]beta-D-mannopyranose-(1-4)-2-acetamido-2-deoxy-beta-D-glucopyranose-(1-4)-[alpha-L-fucopyranose-(1-6)]2-acetamido-2-deoxy-beta-D-glucopyranose
4 non-polymer 'SODIUM ION'
5 water water
#
loop_
_entity_poly.entity_id
_entity_poly.type
_entity_poly.pdbx_seq_one_letter_code
_entity_poly.pdbx_strand_id
1 'polypeptide(L)'
;CPAPELLGGPSVFLFPPKPKDTLMISRTPEVTCVVVDVSHEDPEVKFNWYVDGVEVHNAKTKPREEQYNSTYRVVSVLTV
LHQDWLNGKEYKCKVSNKALPAPIEKTISKAKGQPREPQVYTLPPSRDELTKNQVSLTCLVKGFYPSDIAVEWESNGQPE
NNYKTTPPVLDSDGSFFLYSKLTVDKSRWQQGNVFSCSVMHEALHNHYTQKSLSLSPGK
;
B,A
2 'polypeptide(L)'
;APKAVIKLQPPWVSVFQEESVTLHCEVPHLPGSSSTQWFLNGTAIQTSTPTYHITSASEDDSGEYRCQRGLSGRSDPIQL
EVHRGWLLLQVSSRVLTEGEPLALRCHAWKDKLVYNVLYYRNGKAFKFFHWNSNLTILKTNMSHSGTYHCSGMGKRRYTS
AGISVTVKELFPAPVLTASVTSPLLEGTPVTLSCETKLLLQRPGLQLYFSFYMGSKTLRGRDTSSEYQILTARREDSGLY
WCEAATEDGNVLKRSPELELQVLGHQQPTPVHHHHHH
;
C
#
loop_
_chem_comp.id
_chem_comp.type
_chem_comp.name
_chem_comp.formula
BMA D-saccharide, beta linking beta-D-mannopyranose 'C6 H12 O6'
FUC L-saccharide, alpha linking alpha-L-fucopyranose 'C6 H12 O5'
GAL D-saccharide, beta linking beta-D-galactopyranose 'C6 H12 O6'
MAN D-saccharide, alpha linking alpha-D-mannopyranose 'C6 H12 O6'
NA non-polymer 'SODIUM ION' 'Na 1'
NAG D-saccharide, beta linking 2-acetamido-2-deoxy-beta-D-glucopyranose 'C8 H15 N O6'
#
# COMPACT_ATOMS: atom_id res chain seq x y z
N ALA A 3 28.12 -14.35 7.46
CA ALA A 3 27.22 -14.63 6.35
C ALA A 3 25.82 -14.99 6.85
N PRO A 4 25.02 -13.96 7.18
CA PRO A 4 23.66 -14.21 7.65
C PRO A 4 22.71 -14.47 6.49
N GLU A 5 21.62 -15.16 6.81
CA GLU A 5 20.59 -15.47 5.84
C GLU A 5 19.51 -14.39 5.82
N LEU A 6 18.86 -14.26 4.67
CA LEU A 6 17.72 -13.36 4.56
C LEU A 6 16.56 -13.87 5.42
N LEU A 7 15.89 -12.94 6.09
CA LEU A 7 14.74 -13.29 6.92
C LEU A 7 13.57 -13.71 6.03
N GLY A 8 12.93 -14.81 6.38
CA GLY A 8 11.78 -15.25 5.62
C GLY A 8 11.46 -16.70 5.85
N GLY A 9 10.20 -17.04 5.64
CA GLY A 9 9.72 -18.41 5.73
C GLY A 9 8.59 -18.65 4.76
N PRO A 10 7.74 -19.63 5.07
CA PRO A 10 6.61 -19.92 4.19
C PRO A 10 5.57 -18.80 4.19
N SER A 11 4.93 -18.63 3.04
CA SER A 11 3.83 -17.69 2.88
C SER A 11 2.54 -18.45 2.64
N VAL A 12 1.42 -17.83 3.00
CA VAL A 12 0.11 -18.46 2.92
C VAL A 12 -0.79 -17.63 2.02
N PHE A 13 -1.42 -18.29 1.04
CA PHE A 13 -2.41 -17.67 0.19
C PHE A 13 -3.71 -18.46 0.29
N LEU A 14 -4.83 -17.73 0.33
CA LEU A 14 -6.11 -18.27 0.80
C LEU A 14 -7.20 -17.82 -0.16
N PHE A 15 -7.84 -18.78 -0.85
CA PHE A 15 -8.66 -18.46 -2.01
C PHE A 15 -10.14 -18.73 -1.77
N PRO A 16 -11.02 -17.96 -2.41
CA PRO A 16 -12.45 -18.15 -2.24
C PRO A 16 -12.97 -19.26 -3.15
N PRO A 17 -14.23 -19.65 -3.00
CA PRO A 17 -14.80 -20.64 -3.93
C PRO A 17 -15.10 -20.02 -5.28
N LYS A 18 -15.31 -20.88 -6.26
CA LYS A 18 -15.73 -20.43 -7.57
C LYS A 18 -17.15 -19.87 -7.48
N PRO A 19 -17.45 -18.76 -8.17
CA PRO A 19 -18.80 -18.19 -8.08
C PRO A 19 -19.89 -19.17 -8.47
N LYS A 20 -19.66 -20.00 -9.47
CA LYS A 20 -20.67 -20.95 -9.92
C LYS A 20 -20.90 -22.04 -8.87
N ASP A 21 -19.89 -22.39 -8.09
CA ASP A 21 -20.05 -23.42 -7.08
C ASP A 21 -20.92 -22.95 -5.92
N THR A 22 -20.85 -21.66 -5.58
CA THR A 22 -21.66 -21.14 -4.48
C THR A 22 -23.10 -20.84 -4.90
N LEU A 23 -23.36 -20.72 -6.20
CA LEU A 23 -24.68 -20.37 -6.70
C LEU A 23 -25.51 -21.59 -7.10
N MET A 24 -24.90 -22.75 -7.27
CA MET A 24 -25.62 -23.96 -7.65
C MET A 24 -25.57 -24.94 -6.48
N ILE A 25 -26.74 -25.35 -6.00
CA ILE A 25 -26.83 -26.26 -4.87
C ILE A 25 -26.29 -27.65 -5.23
N SER A 26 -26.20 -27.96 -6.52
CA SER A 26 -25.71 -29.25 -6.97
C SER A 26 -24.18 -29.34 -7.00
N ARG A 27 -23.49 -28.23 -6.81
CA ARG A 27 -22.03 -28.20 -6.79
C ARG A 27 -21.55 -27.96 -5.37
N THR A 28 -20.26 -28.20 -5.15
CA THR A 28 -19.66 -28.09 -3.82
C THR A 28 -18.64 -26.96 -3.80
N PRO A 29 -18.94 -25.83 -3.18
CA PRO A 29 -17.95 -24.75 -3.08
C PRO A 29 -16.90 -25.06 -2.03
N GLU A 30 -15.68 -24.59 -2.28
CA GLU A 30 -14.54 -24.88 -1.42
C GLU A 30 -13.67 -23.64 -1.27
N VAL A 31 -13.18 -23.41 -0.05
CA VAL A 31 -12.12 -22.45 0.20
C VAL A 31 -10.81 -23.20 0.25
N THR A 32 -9.74 -22.57 -0.26
CA THR A 32 -8.47 -23.25 -0.46
C THR A 32 -7.36 -22.49 0.24
N CYS A 33 -6.59 -23.19 1.06
CA CYS A 33 -5.46 -22.62 1.79
C CYS A 33 -4.18 -23.21 1.21
N VAL A 34 -3.40 -22.38 0.53
CA VAL A 34 -2.18 -22.80 -0.16
C VAL A 34 -0.99 -22.23 0.59
N VAL A 35 -0.01 -23.08 0.90
CA VAL A 35 1.19 -22.70 1.61
C VAL A 35 2.38 -22.91 0.67
N VAL A 36 3.13 -21.83 0.43
CA VAL A 36 4.27 -21.87 -0.48
C VAL A 36 5.56 -21.78 0.33
N ASP A 37 6.68 -22.04 -0.36
CA ASP A 37 8.03 -21.87 0.20
C ASP A 37 8.25 -22.76 1.43
N VAL A 38 7.62 -23.92 1.47
CA VAL A 38 7.87 -24.87 2.55
C VAL A 38 9.22 -25.53 2.30
N SER A 39 10.13 -25.40 3.26
CA SER A 39 11.50 -25.83 3.07
C SER A 39 11.62 -27.35 3.17
N HIS A 40 12.71 -27.87 2.60
CA HIS A 40 12.99 -29.30 2.71
C HIS A 40 13.36 -29.69 4.13
N GLU A 41 14.07 -28.81 4.85
CA GLU A 41 14.55 -29.17 6.18
C GLU A 41 13.41 -29.29 7.18
N ASP A 42 12.30 -28.61 6.91
CA ASP A 42 11.15 -28.60 7.82
C ASP A 42 9.87 -28.58 7.00
N PRO A 43 9.37 -29.74 6.61
CA PRO A 43 8.21 -29.78 5.71
C PRO A 43 6.87 -29.95 6.42
N GLU A 44 6.90 -30.22 7.72
CA GLU A 44 5.68 -30.51 8.45
C GLU A 44 4.80 -29.27 8.54
N VAL A 45 3.56 -29.37 8.05
CA VAL A 45 2.61 -28.27 8.04
C VAL A 45 1.31 -28.73 8.68
N LYS A 46 0.75 -27.88 9.53
CA LYS A 46 -0.48 -28.17 10.27
C LYS A 46 -1.52 -27.10 9.98
N PHE A 47 -2.76 -27.53 9.73
CA PHE A 47 -3.85 -26.64 9.41
C PHE A 47 -4.92 -26.68 10.50
N ASN A 48 -5.52 -25.52 10.77
CA ASN A 48 -6.68 -25.41 11.63
C ASN A 48 -7.66 -24.43 10.98
N TRP A 49 -8.91 -24.86 10.81
CA TRP A 49 -9.92 -24.08 10.14
C TRP A 49 -10.96 -23.57 11.14
N TYR A 50 -11.51 -22.40 10.84
CA TYR A 50 -12.49 -21.75 11.70
C TYR A 50 -13.54 -21.07 10.85
N VAL A 51 -14.81 -21.35 11.14
CA VAL A 51 -15.93 -20.74 10.43
C VAL A 51 -16.63 -19.78 11.39
N ASP A 52 -16.46 -18.49 11.14
CA ASP A 52 -17.05 -17.44 11.97
C ASP A 52 -16.64 -17.59 13.44
N GLY A 53 -15.38 -18.00 13.65
CA GLY A 53 -14.84 -18.17 14.98
C GLY A 53 -14.78 -19.61 15.44
N VAL A 54 -15.82 -20.39 15.15
CA VAL A 54 -15.91 -21.76 15.61
C VAL A 54 -15.05 -22.65 14.71
N GLU A 55 -14.31 -23.56 15.34
CA GLU A 55 -13.41 -24.44 14.60
C GLU A 55 -14.18 -25.57 13.94
N VAL A 56 -13.77 -25.92 12.72
CA VAL A 56 -14.34 -27.04 11.97
C VAL A 56 -13.23 -28.02 11.66
N HIS A 57 -13.63 -29.25 11.33
CA HIS A 57 -12.69 -30.35 11.13
C HIS A 57 -12.92 -31.12 9.84
N ASN A 58 -13.74 -30.59 8.91
CA ASN A 58 -14.07 -31.28 7.68
C ASN A 58 -13.13 -30.95 6.53
N ALA A 59 -11.92 -30.50 6.82
CA ALA A 59 -10.98 -30.15 5.77
C ALA A 59 -10.22 -31.37 5.27
N LYS A 60 -9.63 -31.24 4.08
CA LYS A 60 -8.83 -32.28 3.46
C LYS A 60 -7.53 -31.67 2.96
N THR A 61 -6.41 -32.30 3.28
CA THR A 61 -5.08 -31.80 2.93
C THR A 61 -4.51 -32.67 1.81
N LYS A 62 -4.31 -32.06 0.65
CA LYS A 62 -3.69 -32.76 -0.47
C LYS A 62 -2.22 -33.08 -0.16
N PRO A 63 -1.65 -34.08 -0.83
CA PRO A 63 -0.23 -34.36 -0.63
C PRO A 63 0.64 -33.24 -1.19
N ARG A 64 1.89 -33.22 -0.72
CA ARG A 64 2.81 -32.17 -1.11
C ARG A 64 3.17 -32.29 -2.59
N GLU A 65 3.83 -31.25 -3.11
CA GLU A 65 4.22 -31.22 -4.51
C GLU A 65 5.48 -30.37 -4.64
N GLU A 66 6.57 -30.99 -5.07
CA GLU A 66 7.81 -30.26 -5.31
C GLU A 66 7.59 -29.17 -6.36
N GLN A 67 8.25 -28.04 -6.17
CA GLN A 67 8.26 -26.96 -7.15
C GLN A 67 9.63 -26.87 -7.80
N TYR A 68 9.69 -26.15 -8.92
CA TYR A 68 10.95 -26.00 -9.64
C TYR A 68 12.01 -25.32 -8.79
N ASN A 69 11.60 -24.45 -7.86
CA ASN A 69 12.53 -23.72 -7.01
C ASN A 69 12.88 -24.47 -5.73
N SER A 70 12.80 -25.81 -5.74
CA SER A 70 13.23 -26.65 -4.62
C SER A 70 12.47 -26.33 -3.35
N THR A 71 11.17 -26.08 -3.47
CA THR A 71 10.29 -25.88 -2.33
C THR A 71 9.08 -26.78 -2.46
N TYR A 72 8.30 -26.85 -1.39
CA TYR A 72 7.07 -27.64 -1.37
C TYR A 72 5.86 -26.71 -1.33
N ARG A 73 4.71 -27.28 -1.69
CA ARG A 73 3.47 -26.50 -1.80
C ARG A 73 2.32 -27.41 -1.35
N VAL A 74 1.99 -27.33 -0.06
CA VAL A 74 0.91 -28.12 0.51
C VAL A 74 -0.38 -27.32 0.43
N VAL A 75 -1.49 -28.03 0.23
CA VAL A 75 -2.78 -27.41 -0.01
C VAL A 75 -3.82 -28.06 0.88
N SER A 76 -4.63 -27.24 1.55
CA SER A 76 -5.74 -27.71 2.37
C SER A 76 -7.04 -27.15 1.82
N VAL A 77 -8.02 -28.02 1.61
CA VAL A 77 -9.29 -27.66 1.00
C VAL A 77 -10.40 -27.87 2.03
N LEU A 78 -11.29 -26.89 2.15
CA LEU A 78 -12.39 -26.95 3.09
C LEU A 78 -13.70 -26.71 2.35
N THR A 79 -14.57 -27.71 2.35
CA THR A 79 -15.90 -27.56 1.76
C THR A 79 -16.74 -26.62 2.62
N VAL A 80 -17.40 -25.67 1.98
CA VAL A 80 -18.18 -24.66 2.68
C VAL A 80 -19.66 -24.82 2.29
N LEU A 81 -20.53 -24.32 3.16
CA LEU A 81 -21.95 -24.31 2.89
C LEU A 81 -22.30 -23.13 1.99
N HIS A 82 -23.24 -23.36 1.07
CA HIS A 82 -23.63 -22.32 0.11
C HIS A 82 -24.13 -21.08 0.83
N GLN A 83 -25.16 -21.24 1.67
CA GLN A 83 -25.74 -20.10 2.36
C GLN A 83 -24.76 -19.48 3.36
N ASP A 84 -23.89 -20.29 3.95
CA ASP A 84 -22.89 -19.74 4.87
C ASP A 84 -21.97 -18.76 4.16
N TRP A 85 -21.53 -19.10 2.95
CA TRP A 85 -20.69 -18.18 2.19
C TRP A 85 -21.49 -16.98 1.70
N LEU A 86 -22.74 -17.21 1.26
CA LEU A 86 -23.55 -16.12 0.75
C LEU A 86 -24.00 -15.18 1.85
N ASN A 87 -24.13 -15.66 3.08
CA ASN A 87 -24.55 -14.83 4.19
C ASN A 87 -23.42 -13.95 4.74
N GLY A 88 -22.19 -14.12 4.25
CA GLY A 88 -21.09 -13.29 4.67
C GLY A 88 -20.24 -13.84 5.80
N LYS A 89 -20.41 -15.11 6.16
CA LYS A 89 -19.58 -15.71 7.18
C LYS A 89 -18.13 -15.75 6.72
N GLU A 90 -17.20 -15.54 7.66
CA GLU A 90 -15.79 -15.52 7.34
C GLU A 90 -15.17 -16.89 7.61
N TYR A 91 -14.16 -17.22 6.80
CA TYR A 91 -13.46 -18.50 6.90
C TYR A 91 -11.98 -18.23 7.17
N LYS A 92 -11.44 -18.89 8.18
CA LYS A 92 -10.10 -18.62 8.68
C LYS A 92 -9.23 -19.87 8.59
N CYS A 93 -8.09 -19.74 7.91
CA CYS A 93 -7.09 -20.80 7.82
C CYS A 93 -5.91 -20.44 8.71
N LYS A 94 -5.49 -21.40 9.54
CA LYS A 94 -4.39 -21.21 10.46
C LYS A 94 -3.29 -22.21 10.13
N VAL A 95 -2.12 -21.71 9.74
CA VAL A 95 -1.00 -22.52 9.30
C VAL A 95 0.13 -22.39 10.31
N SER A 96 0.70 -23.51 10.72
CA SER A 96 1.82 -23.54 11.64
C SER A 96 2.93 -24.43 11.09
N ASN A 97 4.17 -24.02 11.35
CA ASN A 97 5.35 -24.70 10.83
C ASN A 97 6.56 -24.20 11.60
N LYS A 98 7.59 -25.05 11.71
CA LYS A 98 8.78 -24.70 12.47
C LYS A 98 9.41 -23.41 11.96
N ALA A 99 9.53 -23.27 10.64
CA ALA A 99 10.18 -22.11 10.04
C ALA A 99 9.44 -20.81 10.28
N LEU A 100 8.27 -20.85 10.91
CA LEU A 100 7.48 -19.67 11.24
C LEU A 100 7.68 -19.27 12.69
N PRO A 101 7.80 -17.97 12.98
CA PRO A 101 7.89 -17.55 14.38
C PRO A 101 6.58 -17.70 15.12
N ALA A 102 5.46 -17.63 14.41
CA ALA A 102 4.13 -17.81 14.97
C ALA A 102 3.21 -18.28 13.86
N PRO A 103 2.10 -18.94 14.20
CA PRO A 103 1.17 -19.40 13.16
C PRO A 103 0.62 -18.22 12.36
N ILE A 104 0.44 -18.47 11.06
CA ILE A 104 -0.13 -17.48 10.14
C ILE A 104 -1.63 -17.69 10.07
N GLU A 105 -2.38 -16.58 10.03
CA GLU A 105 -3.84 -16.63 9.95
C GLU A 105 -4.31 -15.79 8.78
N LYS A 106 -5.12 -16.38 7.91
CA LYS A 106 -5.71 -15.70 6.78
C LYS A 106 -7.22 -15.88 6.82
N THR A 107 -7.94 -14.89 6.30
CA THR A 107 -9.40 -14.88 6.35
C THR A 107 -9.98 -14.36 5.05
N ILE A 108 -11.08 -14.97 4.62
CA ILE A 108 -11.87 -14.48 3.49
C ILE A 108 -13.35 -14.51 3.88
N SER A 109 -14.14 -13.81 3.08
CA SER A 109 -15.60 -13.87 3.15
C SER A 109 -16.12 -13.29 1.85
N LYS A 110 -17.43 -13.42 1.65
CA LYS A 110 -18.06 -12.84 0.47
C LYS A 110 -17.80 -11.34 0.43
N ALA A 111 -17.64 -10.81 -0.78
CA ALA A 111 -17.38 -9.38 -0.95
C ALA A 111 -18.51 -8.56 -0.36
N LYS A 112 -18.20 -7.73 0.62
CA LYS A 112 -19.22 -6.93 1.28
C LYS A 112 -19.68 -5.80 0.38
N GLY A 113 -20.97 -5.49 0.43
CA GLY A 113 -21.57 -4.45 -0.38
C GLY A 113 -22.95 -4.91 -0.79
N GLN A 114 -23.82 -3.95 -1.04
CA GLN A 114 -25.20 -4.25 -1.41
C GLN A 114 -25.24 -4.95 -2.76
N PRO A 115 -25.78 -6.17 -2.85
CA PRO A 115 -25.82 -6.86 -4.14
C PRO A 115 -26.76 -6.15 -5.12
N ARG A 116 -26.32 -6.06 -6.36
CA ARG A 116 -27.08 -5.40 -7.42
C ARG A 116 -27.34 -6.37 -8.56
N GLU A 117 -28.57 -6.35 -9.07
CA GLU A 117 -28.99 -7.37 -10.02
C GLU A 117 -28.39 -7.09 -11.39
N PRO A 118 -27.84 -8.10 -12.08
CA PRO A 118 -27.30 -7.87 -13.42
C PRO A 118 -28.40 -7.71 -14.45
N GLN A 119 -28.15 -6.82 -15.42
CA GLN A 119 -28.99 -6.68 -16.60
C GLN A 119 -28.30 -7.36 -17.77
N VAL A 120 -29.00 -8.28 -18.41
CA VAL A 120 -28.43 -9.12 -19.47
C VAL A 120 -29.08 -8.75 -20.79
N TYR A 121 -28.26 -8.42 -21.78
CA TYR A 121 -28.73 -8.07 -23.12
C TYR A 121 -27.89 -8.80 -24.14
N THR A 122 -28.56 -9.40 -25.13
CA THR A 122 -27.89 -10.03 -26.26
C THR A 122 -27.93 -9.11 -27.46
N LEU A 123 -26.82 -9.05 -28.20
CA LEU A 123 -26.68 -8.16 -29.34
C LEU A 123 -26.39 -8.97 -30.59
N PRO A 124 -27.19 -8.84 -31.64
CA PRO A 124 -26.91 -9.58 -32.88
C PRO A 124 -25.66 -9.03 -33.56
N PRO A 125 -25.14 -9.72 -34.56
CA PRO A 125 -23.93 -9.24 -35.23
C PRO A 125 -24.19 -7.98 -36.04
N SER A 126 -23.15 -7.16 -36.17
CA SER A 126 -23.23 -6.00 -37.04
C SER A 126 -23.39 -6.42 -38.49
N ARG A 127 -24.08 -5.59 -39.26
CA ARG A 127 -24.27 -5.88 -40.68
C ARG A 127 -22.94 -5.90 -41.42
N ASP A 128 -21.93 -5.17 -40.93
CA ASP A 128 -20.64 -5.15 -41.59
C ASP A 128 -19.84 -6.43 -41.32
N GLU A 129 -20.17 -7.17 -40.27
CA GLU A 129 -19.49 -8.43 -40.00
C GLU A 129 -20.09 -9.59 -40.78
N LEU A 130 -21.28 -9.41 -41.35
CA LEU A 130 -21.94 -10.46 -42.12
C LEU A 130 -21.24 -10.80 -43.43
N THR A 131 -20.11 -10.15 -43.73
CA THR A 131 -19.34 -10.51 -44.91
C THR A 131 -18.25 -11.54 -44.61
N LYS A 132 -17.91 -11.74 -43.33
CA LYS A 132 -16.87 -12.67 -42.96
C LYS A 132 -17.43 -14.09 -42.85
N ASN A 133 -16.51 -15.06 -42.77
CA ASN A 133 -16.92 -16.46 -42.62
C ASN A 133 -17.44 -16.73 -41.21
N GLN A 134 -16.74 -16.22 -40.19
CA GLN A 134 -17.19 -16.33 -38.82
C GLN A 134 -17.87 -15.04 -38.38
N VAL A 135 -18.61 -15.13 -37.28
CA VAL A 135 -19.56 -14.09 -36.89
C VAL A 135 -19.62 -14.04 -35.37
N SER A 136 -19.75 -12.82 -34.82
CA SER A 136 -19.67 -12.59 -33.39
C SER A 136 -21.06 -12.41 -32.80
N LEU A 137 -21.33 -13.13 -31.71
CA LEU A 137 -22.55 -12.95 -30.91
C LEU A 137 -22.16 -12.37 -29.55
N THR A 138 -22.84 -11.31 -29.15
CA THR A 138 -22.44 -10.50 -28.00
C THR A 138 -23.47 -10.61 -26.89
N CYS A 139 -22.98 -10.80 -25.66
CA CYS A 139 -23.81 -10.81 -24.46
C CYS A 139 -23.31 -9.71 -23.53
N LEU A 140 -24.13 -8.68 -23.33
CA LEU A 140 -23.80 -7.58 -22.43
C LEU A 140 -24.44 -7.82 -21.07
N VAL A 141 -23.60 -7.89 -20.03
CA VAL A 141 -24.06 -8.04 -18.66
C VAL A 141 -23.54 -6.84 -17.89
N LYS A 142 -24.45 -6.02 -17.36
CA LYS A 142 -24.09 -4.77 -16.73
C LYS A 142 -24.88 -4.56 -15.45
N GLY A 143 -24.34 -3.71 -14.58
CA GLY A 143 -25.05 -3.26 -13.41
C GLY A 143 -25.07 -4.22 -12.24
N PHE A 144 -24.14 -5.16 -12.17
CA PHE A 144 -24.14 -6.16 -11.12
C PHE A 144 -23.07 -5.85 -10.07
N TYR A 145 -23.34 -6.29 -8.84
CA TYR A 145 -22.41 -6.19 -7.72
C TYR A 145 -22.74 -7.34 -6.78
N PRO A 146 -21.72 -8.04 -6.26
CA PRO A 146 -20.29 -7.90 -6.52
C PRO A 146 -19.89 -8.43 -7.89
N SER A 147 -18.61 -8.38 -8.25
CA SER A 147 -18.17 -8.80 -9.57
C SER A 147 -18.18 -10.32 -9.75
N ASP A 148 -18.42 -11.08 -8.67
CA ASP A 148 -18.49 -12.53 -8.78
C ASP A 148 -19.68 -12.94 -9.64
N ILE A 149 -19.40 -13.52 -10.81
CA ILE A 149 -20.44 -13.84 -11.78
C ILE A 149 -19.94 -14.96 -12.67
N ALA A 150 -20.87 -15.67 -13.32
CA ALA A 150 -20.56 -16.73 -14.25
C ALA A 150 -21.40 -16.55 -15.50
N VAL A 151 -20.76 -16.61 -16.67
CA VAL A 151 -21.42 -16.38 -17.96
C VAL A 151 -21.00 -17.49 -18.91
N GLU A 152 -21.98 -18.12 -19.55
CA GLU A 152 -21.73 -19.20 -20.50
C GLU A 152 -22.64 -19.05 -21.70
N TRP A 153 -22.37 -19.84 -22.73
CA TRP A 153 -23.19 -19.90 -23.93
C TRP A 153 -23.65 -21.33 -24.17
N GLU A 154 -24.79 -21.47 -24.85
CA GLU A 154 -25.33 -22.78 -25.18
C GLU A 154 -26.26 -22.65 -26.37
N SER A 155 -26.51 -23.79 -27.02
CA SER A 155 -27.39 -23.84 -28.18
C SER A 155 -27.89 -25.27 -28.35
N ASN A 156 -29.20 -25.44 -28.45
CA ASN A 156 -29.83 -26.74 -28.67
C ASN A 156 -29.41 -27.75 -27.60
N GLY A 157 -29.40 -27.30 -26.35
CA GLY A 157 -29.04 -28.15 -25.23
C GLY A 157 -27.58 -28.50 -25.10
N GLN A 158 -26.72 -27.93 -25.93
CA GLN A 158 -25.30 -28.23 -25.91
C GLN A 158 -24.49 -26.96 -25.64
N PRO A 159 -23.34 -27.07 -24.99
CA PRO A 159 -22.57 -25.87 -24.64
C PRO A 159 -21.78 -25.36 -25.85
N GLU A 160 -21.88 -24.06 -26.08
CA GLU A 160 -21.06 -23.38 -27.09
C GLU A 160 -19.82 -22.83 -26.39
N ASN A 161 -18.66 -23.40 -26.70
CA ASN A 161 -17.42 -23.09 -25.99
C ASN A 161 -16.48 -22.19 -26.77
N ASN A 162 -16.84 -21.79 -27.99
CA ASN A 162 -15.99 -20.91 -28.79
C ASN A 162 -16.29 -19.44 -28.46
N TYR A 163 -16.11 -19.10 -27.18
CA TYR A 163 -16.39 -17.76 -26.72
C TYR A 163 -15.28 -17.26 -25.81
N LYS A 164 -15.22 -15.95 -25.65
CA LYS A 164 -14.34 -15.28 -24.71
C LYS A 164 -15.13 -14.23 -23.96
N THR A 165 -14.78 -14.03 -22.69
CA THR A 165 -15.47 -13.07 -21.83
C THR A 165 -14.45 -12.12 -21.22
N THR A 166 -14.71 -10.82 -21.33
CA THR A 166 -13.84 -9.83 -20.72
C THR A 166 -13.95 -9.92 -19.20
N PRO A 167 -12.93 -9.46 -18.48
CA PRO A 167 -13.03 -9.35 -17.03
C PRO A 167 -14.08 -8.33 -16.66
N PRO A 168 -14.59 -8.36 -15.42
CA PRO A 168 -15.51 -7.31 -14.98
C PRO A 168 -14.82 -5.96 -14.98
N VAL A 169 -15.56 -4.94 -15.43
CA VAL A 169 -15.06 -3.57 -15.49
C VAL A 169 -15.93 -2.71 -14.59
N LEU A 170 -15.27 -1.97 -13.69
CA LEU A 170 -15.99 -1.07 -12.79
C LEU A 170 -16.63 0.06 -13.58
N ASP A 171 -17.96 0.14 -13.54
CA ASP A 171 -18.65 1.18 -14.27
C ASP A 171 -18.69 2.47 -13.45
N SER A 172 -19.08 3.56 -14.10
CA SER A 172 -19.06 4.88 -13.47
C SER A 172 -20.14 5.05 -12.40
N ASP A 173 -20.98 4.05 -12.16
CA ASP A 173 -22.00 4.11 -11.12
C ASP A 173 -21.72 3.16 -9.97
N GLY A 174 -20.50 2.62 -9.89
CA GLY A 174 -20.13 1.71 -8.82
C GLY A 174 -20.41 0.25 -9.09
N SER A 175 -21.18 -0.07 -10.12
CA SER A 175 -21.46 -1.45 -10.47
C SER A 175 -20.44 -1.95 -11.49
N PHE A 176 -20.53 -3.23 -11.83
CA PHE A 176 -19.64 -3.86 -12.78
C PHE A 176 -20.39 -4.23 -14.06
N PHE A 177 -19.64 -4.29 -15.16
CA PHE A 177 -20.18 -4.78 -16.42
C PHE A 177 -19.12 -5.62 -17.11
N LEU A 178 -19.57 -6.46 -18.04
CA LEU A 178 -18.67 -7.24 -18.87
C LEU A 178 -19.36 -7.54 -20.19
N TYR A 179 -18.57 -8.05 -21.14
CA TYR A 179 -19.07 -8.52 -22.42
C TYR A 179 -18.57 -9.93 -22.65
N SER A 180 -19.42 -10.77 -23.25
CA SER A 180 -19.04 -12.10 -23.67
C SER A 180 -19.26 -12.21 -25.18
N LYS A 181 -18.24 -12.66 -25.89
CA LYS A 181 -18.26 -12.74 -27.35
C LYS A 181 -18.20 -14.20 -27.78
N LEU A 182 -19.29 -14.70 -28.36
CA LEU A 182 -19.34 -16.03 -28.93
C LEU A 182 -19.11 -15.95 -30.44
N THR A 183 -18.14 -16.70 -30.93
CA THR A 183 -17.81 -16.73 -32.35
C THR A 183 -18.46 -17.95 -32.98
N VAL A 184 -19.31 -17.73 -33.98
CA VAL A 184 -20.02 -18.80 -34.67
C VAL A 184 -19.74 -18.70 -36.15
N ASP A 185 -19.88 -19.83 -36.84
CA ASP A 185 -19.86 -19.81 -38.30
C ASP A 185 -21.10 -19.10 -38.82
N LYS A 186 -20.92 -18.29 -39.86
CA LYS A 186 -22.03 -17.52 -40.38
C LYS A 186 -23.16 -18.41 -40.89
N SER A 187 -22.82 -19.61 -41.36
CA SER A 187 -23.86 -20.54 -41.81
C SER A 187 -24.81 -20.91 -40.69
N ARG A 188 -24.27 -21.12 -39.48
CA ARG A 188 -25.12 -21.46 -38.34
C ARG A 188 -26.05 -20.31 -37.97
N TRP A 189 -25.54 -19.07 -38.05
CA TRP A 189 -26.36 -17.92 -37.66
C TRP A 189 -27.49 -17.69 -38.64
N GLN A 190 -27.21 -17.75 -39.94
CA GLN A 190 -28.22 -17.47 -40.95
C GLN A 190 -29.19 -18.63 -41.15
N GLN A 191 -28.89 -19.82 -40.63
CA GLN A 191 -29.81 -20.93 -40.68
C GLN A 191 -30.90 -20.86 -39.61
N GLY A 192 -30.83 -19.90 -38.71
CA GLY A 192 -31.86 -19.71 -37.72
C GLY A 192 -31.63 -20.37 -36.38
N ASN A 193 -30.41 -20.87 -36.14
CA ASN A 193 -30.11 -21.51 -34.86
C ASN A 193 -30.21 -20.52 -33.72
N VAL A 194 -30.78 -20.97 -32.60
CA VAL A 194 -31.00 -20.13 -31.43
C VAL A 194 -29.84 -20.33 -30.46
N PHE A 195 -29.19 -19.23 -30.08
CA PHE A 195 -28.11 -19.24 -29.12
C PHE A 195 -28.55 -18.50 -27.85
N SER A 196 -28.02 -18.94 -26.71
CA SER A 196 -28.44 -18.40 -25.42
C SER A 196 -27.23 -18.04 -24.57
N CYS A 197 -27.34 -16.93 -23.86
CA CYS A 197 -26.34 -16.48 -22.90
C CYS A 197 -26.89 -16.72 -21.49
N SER A 198 -26.23 -17.58 -20.73
CA SER A 198 -26.66 -17.94 -19.39
C SER A 198 -25.78 -17.26 -18.36
N VAL A 199 -26.42 -16.56 -17.42
CA VAL A 199 -25.72 -15.78 -16.40
C VAL A 199 -26.18 -16.25 -15.03
N MET A 200 -25.22 -16.46 -14.13
CA MET A 200 -25.50 -16.81 -12.74
C MET A 200 -24.90 -15.76 -11.82
N HIS A 201 -25.73 -15.25 -10.90
CA HIS A 201 -25.31 -14.20 -9.98
C HIS A 201 -26.21 -14.23 -8.76
N GLU A 202 -25.65 -13.83 -7.62
CA GLU A 202 -26.37 -13.99 -6.35
C GLU A 202 -27.57 -13.07 -6.28
N ALA A 203 -27.53 -11.97 -7.02
CA ALA A 203 -28.61 -10.99 -6.97
C ALA A 203 -29.75 -11.32 -7.92
N LEU A 204 -29.61 -12.33 -8.76
CA LEU A 204 -30.67 -12.73 -9.66
C LEU A 204 -31.67 -13.64 -8.95
N HIS A 205 -32.91 -13.63 -9.42
CA HIS A 205 -33.91 -14.56 -8.92
C HIS A 205 -33.53 -15.97 -9.35
N ASN A 206 -33.50 -16.89 -8.37
CA ASN A 206 -33.03 -18.26 -8.56
C ASN A 206 -31.56 -18.32 -8.97
N HIS A 207 -30.83 -17.22 -8.77
CA HIS A 207 -29.41 -17.11 -9.11
C HIS A 207 -29.14 -17.37 -10.59
N TYR A 208 -30.15 -17.24 -11.44
CA TYR A 208 -30.00 -17.64 -12.83
C TYR A 208 -30.91 -16.82 -13.73
N THR A 209 -30.40 -16.45 -14.90
CA THR A 209 -31.21 -15.88 -15.97
C THR A 209 -30.50 -16.20 -17.28
N GLN A 210 -31.28 -16.22 -18.37
CA GLN A 210 -30.72 -16.46 -19.69
C GLN A 210 -31.46 -15.62 -20.72
N LYS A 211 -30.74 -15.20 -21.74
CA LYS A 211 -31.29 -14.44 -22.86
C LYS A 211 -30.90 -15.11 -24.16
N SER A 212 -31.87 -15.23 -25.06
CA SER A 212 -31.67 -15.93 -26.32
C SER A 212 -31.43 -14.95 -27.45
N LEU A 213 -30.97 -15.48 -28.58
CA LEU A 213 -30.55 -14.66 -29.71
C LEU A 213 -30.59 -15.49 -30.98
N SER A 214 -31.22 -14.96 -32.02
CA SER A 214 -31.28 -15.62 -33.32
C SER A 214 -31.69 -14.58 -34.36
N LEU A 215 -31.48 -14.93 -35.63
CA LEU A 215 -31.88 -14.06 -36.72
C LEU A 215 -33.40 -13.85 -36.67
N SER A 216 -33.82 -12.59 -36.52
CA SER A 216 -35.22 -12.32 -36.22
C SER A 216 -36.14 -12.69 -37.38
N PRO A 217 -35.98 -12.12 -38.59
CA PRO A 217 -36.89 -12.60 -39.64
C PRO A 217 -36.29 -13.76 -40.44
N PRO B 4 28.37 -12.02 -0.48
CA PRO B 4 27.10 -11.92 -1.19
C PRO B 4 26.07 -11.06 -0.45
N GLU B 5 26.54 -10.12 0.34
CA GLU B 5 25.71 -9.31 1.22
C GLU B 5 25.44 -7.92 0.67
N LEU B 6 25.42 -7.77 -0.66
CA LEU B 6 25.08 -6.48 -1.24
C LEU B 6 23.71 -6.58 -1.90
N LEU B 7 22.70 -6.68 -1.06
CA LEU B 7 21.32 -6.41 -1.43
C LEU B 7 20.91 -5.03 -0.90
N GLY B 8 19.88 -4.48 -1.52
CA GLY B 8 19.36 -3.17 -1.18
C GLY B 8 19.73 -2.12 -2.22
N GLY B 9 19.28 -0.90 -1.94
CA GLY B 9 19.46 0.20 -2.86
C GLY B 9 18.18 0.50 -3.61
N PRO B 10 18.25 1.49 -4.50
CA PRO B 10 17.05 1.89 -5.27
C PRO B 10 16.64 0.83 -6.27
N SER B 11 15.41 0.98 -6.76
CA SER B 11 14.85 0.13 -7.80
C SER B 11 14.41 1.00 -8.98
N VAL B 12 14.33 0.37 -10.15
CA VAL B 12 14.06 1.07 -11.40
C VAL B 12 12.84 0.44 -12.06
N PHE B 13 11.96 1.30 -12.60
CA PHE B 13 10.80 0.86 -13.36
C PHE B 13 10.73 1.69 -14.63
N LEU B 14 10.61 1.02 -15.76
CA LEU B 14 10.64 1.64 -17.09
C LEU B 14 9.27 1.48 -17.74
N PHE B 15 8.66 2.59 -18.13
CA PHE B 15 7.29 2.57 -18.63
C PHE B 15 7.22 2.96 -20.10
N PRO B 16 6.30 2.38 -20.86
CA PRO B 16 6.19 2.69 -22.29
C PRO B 16 5.39 3.97 -22.50
N PRO B 17 5.37 4.49 -23.72
CA PRO B 17 4.50 5.64 -24.03
C PRO B 17 3.05 5.21 -24.14
N LYS B 18 2.17 6.19 -23.99
CA LYS B 18 0.75 5.95 -24.18
C LYS B 18 0.48 5.59 -25.63
N PRO B 19 -0.40 4.62 -25.90
CA PRO B 19 -0.64 4.22 -27.30
C PRO B 19 -1.08 5.37 -28.19
N LYS B 20 -1.87 6.30 -27.67
CA LYS B 20 -2.35 7.39 -28.51
C LYS B 20 -1.24 8.36 -28.88
N ASP B 21 -0.22 8.50 -28.03
CA ASP B 21 0.86 9.45 -28.32
C ASP B 21 1.77 8.92 -29.42
N THR B 22 1.86 7.60 -29.59
CA THR B 22 2.70 7.03 -30.64
C THR B 22 2.02 7.06 -32.00
N LEU B 23 0.70 7.28 -32.04
CA LEU B 23 -0.07 7.21 -33.28
C LEU B 23 -0.38 8.56 -33.88
N MET B 24 -0.47 9.61 -33.07
CA MET B 24 -0.73 10.97 -33.56
C MET B 24 0.59 11.74 -33.58
N ILE B 25 0.98 12.19 -34.78
CA ILE B 25 2.27 12.86 -34.93
C ILE B 25 2.34 14.18 -34.19
N SER B 26 1.18 14.75 -33.82
CA SER B 26 1.17 15.99 -33.07
C SER B 26 1.51 15.77 -31.59
N ARG B 27 1.24 14.58 -31.07
CA ARG B 27 1.49 14.31 -29.66
C ARG B 27 2.94 13.91 -29.43
N THR B 28 3.32 13.88 -28.16
CA THR B 28 4.70 13.60 -27.77
C THR B 28 4.77 12.28 -27.01
N PRO B 29 5.12 11.17 -27.66
CA PRO B 29 5.32 9.92 -26.92
C PRO B 29 6.62 9.95 -26.14
N GLU B 30 6.57 9.40 -24.92
CA GLU B 30 7.71 9.43 -24.01
C GLU B 30 7.85 8.09 -23.31
N VAL B 31 9.09 7.66 -23.10
CA VAL B 31 9.40 6.54 -22.21
C VAL B 31 9.91 7.12 -20.91
N THR B 32 9.45 6.55 -19.79
CA THR B 32 9.68 7.14 -18.47
C THR B 32 10.44 6.15 -17.60
N CYS B 33 11.59 6.58 -17.08
CA CYS B 33 12.42 5.78 -16.21
C CYS B 33 12.29 6.33 -14.80
N VAL B 34 11.72 5.53 -13.90
CA VAL B 34 11.41 5.95 -12.54
C VAL B 34 12.30 5.19 -11.57
N VAL B 35 13.01 5.94 -10.72
CA VAL B 35 13.86 5.36 -9.69
C VAL B 35 13.25 5.68 -8.34
N VAL B 36 12.94 4.64 -7.56
CA VAL B 36 12.40 4.80 -6.22
C VAL B 36 13.39 4.21 -5.23
N ASP B 37 13.09 4.41 -3.94
CA ASP B 37 13.94 3.93 -2.84
C ASP B 37 15.34 4.55 -2.92
N VAL B 38 15.40 5.83 -3.26
CA VAL B 38 16.64 6.58 -3.23
C VAL B 38 16.79 7.18 -1.83
N SER B 39 17.92 6.90 -1.19
CA SER B 39 18.11 7.32 0.19
C SER B 39 18.58 8.77 0.26
N HIS B 40 18.41 9.37 1.44
CA HIS B 40 18.95 10.70 1.68
C HIS B 40 20.46 10.69 1.74
N GLU B 41 21.06 9.56 2.15
CA GLU B 41 22.52 9.50 2.26
C GLU B 41 23.18 9.43 0.89
N ASP B 42 22.52 8.85 -0.10
CA ASP B 42 23.05 8.71 -1.46
C ASP B 42 21.99 9.18 -2.44
N PRO B 43 21.80 10.50 -2.57
CA PRO B 43 20.69 11.02 -3.37
C PRO B 43 20.98 11.24 -4.85
N GLU B 44 22.24 11.19 -5.28
CA GLU B 44 22.59 11.50 -6.66
C GLU B 44 22.31 10.29 -7.55
N VAL B 45 21.48 10.49 -8.57
CA VAL B 45 21.12 9.44 -9.53
C VAL B 45 21.57 9.89 -10.92
N LYS B 46 22.22 8.98 -11.65
CA LYS B 46 22.72 9.24 -12.99
C LYS B 46 21.98 8.35 -13.97
N PHE B 47 21.49 8.93 -15.06
CA PHE B 47 20.73 8.22 -16.07
C PHE B 47 21.52 8.14 -17.37
N ASN B 48 21.49 6.96 -17.99
CA ASN B 48 22.06 6.75 -19.31
C ASN B 48 20.99 6.11 -20.19
N TRP B 49 20.71 6.74 -21.33
CA TRP B 49 19.67 6.28 -22.25
C TRP B 49 20.28 5.73 -23.52
N TYR B 50 19.75 4.60 -23.98
CA TYR B 50 20.22 3.93 -25.19
C TYR B 50 19.03 3.58 -26.06
N VAL B 51 19.18 3.75 -27.37
CA VAL B 51 18.17 3.38 -28.35
C VAL B 51 18.81 2.38 -29.31
N ASP B 52 18.39 1.13 -29.22
CA ASP B 52 18.99 0.03 -29.99
C ASP B 52 20.50 -0.06 -29.76
N GLY B 53 20.96 0.24 -28.55
CA GLY B 53 22.35 0.10 -28.18
C GLY B 53 23.15 1.40 -28.21
N VAL B 54 22.74 2.38 -29.00
CA VAL B 54 23.48 3.63 -29.14
C VAL B 54 22.89 4.66 -28.18
N GLU B 55 23.77 5.43 -27.54
CA GLU B 55 23.37 6.33 -26.47
C GLU B 55 22.78 7.62 -27.04
N VAL B 56 21.79 8.16 -26.32
CA VAL B 56 21.17 9.43 -26.65
C VAL B 56 21.23 10.33 -25.41
N HIS B 57 21.16 11.65 -25.65
CA HIS B 57 21.43 12.62 -24.60
C HIS B 57 20.35 13.70 -24.49
N ASN B 58 19.16 13.46 -25.03
CA ASN B 58 18.11 14.47 -25.03
C ASN B 58 17.05 14.26 -23.96
N ALA B 59 17.25 13.29 -23.07
CA ALA B 59 16.27 13.04 -22.02
C ALA B 59 16.29 14.15 -20.98
N LYS B 60 15.14 14.35 -20.34
CA LYS B 60 14.96 15.39 -19.32
C LYS B 60 14.76 14.73 -17.97
N THR B 61 15.60 15.09 -17.00
CA THR B 61 15.53 14.52 -15.67
C THR B 61 14.86 15.52 -14.72
N LYS B 62 13.78 15.09 -14.07
CA LYS B 62 13.13 15.90 -13.08
C LYS B 62 13.89 15.86 -11.75
N PRO B 63 13.85 16.93 -10.98
CA PRO B 63 14.60 16.96 -9.72
C PRO B 63 14.05 15.96 -8.72
N ARG B 64 14.87 15.69 -7.69
CA ARG B 64 14.48 14.78 -6.63
C ARG B 64 13.16 15.21 -6.00
N GLU B 65 12.37 14.23 -5.58
CA GLU B 65 11.08 14.49 -4.94
C GLU B 65 10.91 13.50 -3.80
N GLU B 66 10.86 14.02 -2.57
CA GLU B 66 10.74 13.15 -1.41
C GLU B 66 9.34 12.57 -1.31
N GLN B 67 9.26 11.27 -1.11
CA GLN B 67 7.98 10.57 -1.00
C GLN B 67 7.50 10.57 0.44
N TYR B 68 6.27 10.08 0.63
CA TYR B 68 5.68 10.08 1.97
C TYR B 68 6.34 9.07 2.89
N ASN B 69 7.11 8.13 2.36
CA ASN B 69 7.86 7.18 3.17
C ASN B 69 9.30 7.62 3.41
N SER B 70 9.59 8.91 3.25
CA SER B 70 10.89 9.51 3.52
C SER B 70 11.99 9.01 2.58
N THR B 71 11.61 8.47 1.43
CA THR B 71 12.57 8.11 0.39
C THR B 71 12.46 9.11 -0.75
N TYR B 72 13.46 9.10 -1.62
CA TYR B 72 13.48 9.96 -2.80
C TYR B 72 13.04 9.19 -4.04
N ARG B 73 12.41 9.91 -4.96
CA ARG B 73 11.96 9.37 -6.23
C ARG B 73 12.45 10.28 -7.34
N VAL B 74 13.20 9.73 -8.28
CA VAL B 74 13.79 10.49 -9.37
C VAL B 74 13.29 9.91 -10.70
N VAL B 75 12.86 10.80 -11.60
CA VAL B 75 12.23 10.41 -12.86
C VAL B 75 12.99 11.05 -14.01
N SER B 76 13.27 10.25 -15.04
CA SER B 76 13.89 10.74 -16.27
C SER B 76 12.97 10.39 -17.43
N VAL B 77 12.66 11.40 -18.25
CA VAL B 77 11.71 11.27 -19.35
C VAL B 77 12.47 11.41 -20.66
N LEU B 78 12.31 10.43 -21.55
CA LEU B 78 12.94 10.43 -22.86
C LEU B 78 11.88 10.53 -23.94
N THR B 79 11.91 11.62 -24.71
CA THR B 79 11.02 11.76 -25.86
C THR B 79 11.47 10.80 -26.96
N VAL B 80 10.52 10.04 -27.49
CA VAL B 80 10.81 9.06 -28.53
C VAL B 80 10.19 9.53 -29.84
N LEU B 81 10.82 9.13 -30.94
CA LEU B 81 10.25 9.36 -32.26
C LEU B 81 9.16 8.33 -32.52
N HIS B 82 8.05 8.81 -33.09
CA HIS B 82 6.87 7.95 -33.29
C HIS B 82 7.24 6.68 -34.05
N GLN B 83 7.96 6.83 -35.16
CA GLN B 83 8.27 5.68 -35.99
C GLN B 83 9.34 4.79 -35.35
N ASP B 84 10.19 5.37 -34.50
CA ASP B 84 11.18 4.55 -33.80
C ASP B 84 10.51 3.54 -32.88
N TRP B 85 9.50 3.97 -32.11
CA TRP B 85 8.78 3.03 -31.25
C TRP B 85 7.98 2.03 -32.07
N LEU B 86 7.28 2.50 -33.10
CA LEU B 86 6.44 1.60 -33.89
C LEU B 86 7.26 0.59 -34.68
N ASN B 87 8.50 0.93 -35.03
CA ASN B 87 9.37 -0.01 -35.74
C ASN B 87 10.06 -1.00 -34.81
N GLY B 88 9.79 -0.93 -33.50
CA GLY B 88 10.30 -1.93 -32.58
C GLY B 88 11.67 -1.65 -32.00
N LYS B 89 12.13 -0.41 -32.03
CA LYS B 89 13.43 -0.09 -31.43
C LYS B 89 13.37 -0.29 -29.92
N GLU B 90 14.51 -0.72 -29.36
CA GLU B 90 14.61 -0.98 -27.94
C GLU B 90 15.12 0.25 -27.20
N TYR B 91 14.48 0.57 -26.09
CA TYR B 91 14.86 1.71 -25.26
C TYR B 91 15.37 1.18 -23.93
N LYS B 92 16.62 1.50 -23.61
CA LYS B 92 17.27 1.03 -22.40
C LYS B 92 17.58 2.20 -21.49
N CYS B 93 17.21 2.08 -20.22
CA CYS B 93 17.55 3.05 -19.18
C CYS B 93 18.58 2.43 -18.25
N LYS B 94 19.73 3.08 -18.10
CA LYS B 94 20.76 2.64 -17.18
C LYS B 94 20.85 3.64 -16.04
N VAL B 95 20.72 3.15 -14.81
CA VAL B 95 20.66 3.98 -13.62
C VAL B 95 21.87 3.67 -12.74
N SER B 96 22.61 4.71 -12.37
CA SER B 96 23.80 4.58 -11.52
C SER B 96 23.59 5.36 -10.24
N ASN B 97 23.99 4.76 -9.12
CA ASN B 97 23.83 5.37 -7.80
C ASN B 97 24.83 4.71 -6.86
N LYS B 98 25.36 5.50 -5.92
CA LYS B 98 26.43 5.01 -5.06
C LYS B 98 25.98 3.82 -4.21
N ALA B 99 24.69 3.72 -3.93
CA ALA B 99 24.17 2.62 -3.12
C ALA B 99 24.00 1.33 -3.91
N LEU B 100 24.24 1.35 -5.22
CA LEU B 100 24.13 0.17 -6.06
C LEU B 100 25.50 -0.45 -6.30
N PRO B 101 25.62 -1.78 -6.20
CA PRO B 101 26.90 -2.41 -6.52
C PRO B 101 27.27 -2.30 -7.98
N ALA B 102 26.28 -2.25 -8.87
CA ALA B 102 26.46 -2.09 -10.30
C ALA B 102 25.24 -1.37 -10.84
N PRO B 103 25.38 -0.65 -11.96
CA PRO B 103 24.21 0.05 -12.52
C PRO B 103 23.08 -0.92 -12.86
N ILE B 104 21.86 -0.41 -12.75
CA ILE B 104 20.66 -1.19 -13.07
C ILE B 104 20.22 -0.82 -14.49
N GLU B 105 19.96 -1.84 -15.30
CA GLU B 105 19.57 -1.65 -16.69
C GLU B 105 18.17 -2.22 -16.90
N LYS B 106 17.28 -1.42 -17.49
CA LYS B 106 15.94 -1.85 -17.86
C LYS B 106 15.74 -1.53 -19.32
N THR B 107 15.17 -2.48 -20.06
CA THR B 107 14.92 -2.33 -21.49
C THR B 107 13.43 -2.56 -21.76
N ILE B 108 12.87 -1.72 -22.63
CA ILE B 108 11.46 -1.84 -23.01
C ILE B 108 11.35 -1.57 -24.51
N SER B 109 10.34 -2.18 -25.12
CA SER B 109 10.08 -2.00 -26.55
C SER B 109 8.66 -2.46 -26.83
N LYS B 110 8.18 -2.13 -28.02
CA LYS B 110 6.85 -2.56 -28.44
C LYS B 110 6.80 -4.09 -28.54
N ALA B 111 5.62 -4.65 -28.30
CA ALA B 111 5.43 -6.08 -28.43
C ALA B 111 5.73 -6.53 -29.86
N LYS B 112 6.44 -7.63 -29.98
CA LYS B 112 6.87 -8.14 -31.27
C LYS B 112 5.78 -8.99 -31.91
N GLY B 113 5.86 -9.14 -33.23
CA GLY B 113 4.85 -9.84 -33.99
C GLY B 113 4.24 -8.97 -35.06
N GLN B 114 3.73 -9.58 -36.13
CA GLN B 114 3.19 -8.81 -37.23
C GLN B 114 1.92 -8.09 -36.79
N PRO B 115 1.84 -6.77 -36.97
CA PRO B 115 0.62 -6.04 -36.59
C PRO B 115 -0.58 -6.50 -37.41
N ARG B 116 -1.75 -6.47 -36.77
CA ARG B 116 -2.98 -6.88 -37.41
C ARG B 116 -4.02 -5.77 -37.30
N GLU B 117 -4.75 -5.56 -38.39
CA GLU B 117 -5.71 -4.46 -38.44
C GLU B 117 -6.96 -4.81 -37.64
N PRO B 118 -7.43 -3.93 -36.75
CA PRO B 118 -8.66 -4.22 -36.01
C PRO B 118 -9.89 -4.05 -36.90
N GLN B 119 -10.87 -4.91 -36.67
CA GLN B 119 -12.20 -4.77 -37.26
C GLN B 119 -13.09 -4.09 -36.24
N VAL B 120 -13.79 -3.03 -36.66
CA VAL B 120 -14.59 -2.21 -35.76
C VAL B 120 -16.06 -2.34 -36.17
N TYR B 121 -16.90 -2.71 -35.20
CA TYR B 121 -18.33 -2.87 -35.43
C TYR B 121 -19.09 -2.18 -34.33
N THR B 122 -20.07 -1.36 -34.71
CA THR B 122 -20.95 -0.70 -33.75
C THR B 122 -22.25 -1.49 -33.63
N LEU B 123 -22.73 -1.63 -32.40
CA LEU B 123 -23.91 -2.41 -32.11
C LEU B 123 -24.95 -1.53 -31.40
N PRO B 124 -26.17 -1.46 -31.92
CA PRO B 124 -27.21 -0.65 -31.27
C PRO B 124 -27.64 -1.29 -29.96
N PRO B 125 -28.40 -0.57 -29.13
CA PRO B 125 -28.89 -1.19 -27.89
C PRO B 125 -29.87 -2.32 -28.18
N SER B 126 -29.84 -3.33 -27.32
CA SER B 126 -30.86 -4.37 -27.36
C SER B 126 -32.22 -3.75 -27.12
N ARG B 127 -33.24 -4.25 -27.83
CA ARG B 127 -34.58 -3.71 -27.67
C ARG B 127 -35.11 -3.91 -26.25
N ASP B 128 -34.54 -4.85 -25.50
CA ASP B 128 -34.92 -5.02 -24.10
C ASP B 128 -34.43 -3.86 -23.24
N GLU B 129 -33.35 -3.20 -23.64
CA GLU B 129 -32.81 -2.07 -22.89
C GLU B 129 -33.57 -0.77 -23.15
N LEU B 130 -34.37 -0.70 -24.21
CA LEU B 130 -35.10 0.52 -24.54
C LEU B 130 -36.16 0.87 -23.49
N THR B 131 -36.51 -0.04 -22.58
CA THR B 131 -37.46 0.26 -21.53
C THR B 131 -36.87 1.13 -20.43
N LYS B 132 -35.55 1.30 -20.40
CA LYS B 132 -34.88 2.03 -19.34
C LYS B 132 -34.52 3.44 -19.81
N ASN B 133 -34.08 4.27 -18.85
CA ASN B 133 -33.83 5.67 -19.13
C ASN B 133 -32.51 5.89 -19.87
N GLN B 134 -31.52 5.01 -19.67
CA GLN B 134 -30.24 5.11 -20.35
C GLN B 134 -29.96 3.83 -21.12
N VAL B 135 -29.51 3.98 -22.36
CA VAL B 135 -29.22 2.85 -23.22
C VAL B 135 -27.71 2.74 -23.43
N SER B 136 -27.28 1.57 -23.85
CA SER B 136 -25.86 1.26 -24.05
C SER B 136 -25.56 1.16 -25.54
N LEU B 137 -24.58 1.93 -26.00
CA LEU B 137 -24.04 1.81 -27.35
C LEU B 137 -22.72 1.06 -27.26
N THR B 138 -22.57 0.05 -28.13
CA THR B 138 -21.46 -0.89 -28.04
C THR B 138 -20.56 -0.76 -29.26
N CYS B 139 -19.25 -0.71 -29.03
CA CYS B 139 -18.24 -0.71 -30.09
C CYS B 139 -17.40 -1.96 -29.91
N LEU B 140 -17.49 -2.87 -30.88
CA LEU B 140 -16.71 -4.11 -30.87
C LEU B 140 -15.47 -3.92 -31.73
N VAL B 141 -14.30 -4.07 -31.10
CA VAL B 141 -13.02 -3.97 -31.77
C VAL B 141 -12.30 -5.30 -31.60
N LYS B 142 -12.07 -6.01 -32.70
CA LYS B 142 -11.50 -7.35 -32.63
C LYS B 142 -10.43 -7.52 -33.70
N GLY B 143 -9.55 -8.49 -33.44
CA GLY B 143 -8.58 -8.91 -34.44
C GLY B 143 -7.35 -8.04 -34.58
N PHE B 144 -7.02 -7.23 -33.57
CA PHE B 144 -5.88 -6.33 -33.66
C PHE B 144 -4.69 -6.88 -32.89
N TYR B 145 -3.50 -6.52 -33.35
CA TYR B 145 -2.24 -6.85 -32.71
C TYR B 145 -1.27 -5.74 -33.08
N PRO B 146 -0.45 -5.26 -32.14
CA PRO B 146 -0.40 -5.61 -30.72
C PRO B 146 -1.58 -5.02 -29.94
N SER B 147 -1.63 -5.24 -28.63
CA SER B 147 -2.78 -4.81 -27.82
C SER B 147 -2.80 -3.31 -27.56
N ASP B 148 -1.80 -2.56 -28.03
CA ASP B 148 -1.77 -1.12 -27.84
C ASP B 148 -2.82 -0.46 -28.74
N ILE B 149 -3.81 0.19 -28.12
CA ILE B 149 -4.95 0.72 -28.85
C ILE B 149 -5.59 1.82 -28.02
N ALA B 150 -6.37 2.67 -28.68
CA ALA B 150 -7.11 3.73 -28.01
C ALA B 150 -8.49 3.84 -28.65
N VAL B 151 -9.53 3.92 -27.82
CA VAL B 151 -10.92 3.98 -28.28
C VAL B 151 -11.61 5.16 -27.62
N GLU B 152 -12.35 5.93 -28.43
CA GLU B 152 -13.05 7.11 -27.94
C GLU B 152 -14.43 7.19 -28.60
N TRP B 153 -15.30 7.98 -27.98
CA TRP B 153 -16.63 8.26 -28.52
C TRP B 153 -16.80 9.76 -28.68
N GLU B 154 -17.60 10.15 -29.67
CA GLU B 154 -17.90 11.56 -29.90
C GLU B 154 -19.21 11.67 -30.65
N SER B 155 -19.78 12.87 -30.61
CA SER B 155 -21.02 13.16 -31.34
C SER B 155 -21.07 14.66 -31.61
N ASN B 156 -21.34 15.02 -32.86
CA ASN B 156 -21.46 16.43 -33.27
C ASN B 156 -20.22 17.23 -32.91
N GLY B 157 -19.05 16.61 -33.06
CA GLY B 157 -17.82 17.34 -32.84
C GLY B 157 -17.45 17.53 -31.38
N GLN B 158 -18.10 16.81 -30.47
CA GLN B 158 -17.82 16.92 -29.06
C GLN B 158 -17.65 15.53 -28.46
N PRO B 159 -16.70 15.36 -27.53
CA PRO B 159 -16.51 14.04 -26.92
C PRO B 159 -17.66 13.67 -26.01
N GLU B 160 -17.93 12.36 -25.96
CA GLU B 160 -18.95 11.85 -25.06
C GLU B 160 -18.37 11.65 -23.66
N ASN B 161 -19.15 12.03 -22.66
CA ASN B 161 -18.67 12.12 -21.28
C ASN B 161 -18.92 10.87 -20.46
N ASN B 162 -19.39 9.77 -21.08
CA ASN B 162 -19.87 8.66 -20.27
C ASN B 162 -19.69 7.35 -21.05
N TYR B 163 -18.46 6.84 -21.06
CA TYR B 163 -18.19 5.55 -21.67
C TYR B 163 -17.06 4.85 -20.92
N LYS B 164 -17.05 3.53 -21.02
CA LYS B 164 -16.03 2.68 -20.43
C LYS B 164 -15.60 1.63 -21.44
N THR B 165 -14.32 1.31 -21.44
CA THR B 165 -13.75 0.34 -22.38
C THR B 165 -13.08 -0.78 -21.61
N THR B 166 -13.40 -2.02 -21.97
CA THR B 166 -12.77 -3.17 -21.34
C THR B 166 -11.30 -3.26 -21.75
N PRO B 167 -10.47 -3.90 -20.94
CA PRO B 167 -9.08 -4.15 -21.35
C PRO B 167 -9.05 -5.06 -22.57
N PRO B 168 -7.95 -5.05 -23.32
CA PRO B 168 -7.81 -6.01 -24.43
C PRO B 168 -7.82 -7.43 -23.91
N VAL B 169 -8.53 -8.31 -24.62
CA VAL B 169 -8.67 -9.71 -24.25
C VAL B 169 -8.06 -10.56 -25.35
N LEU B 170 -7.19 -11.50 -24.96
CA LEU B 170 -6.54 -12.36 -25.93
C LEU B 170 -7.54 -13.34 -26.53
N ASP B 171 -7.69 -13.30 -27.85
CA ASP B 171 -8.54 -14.23 -28.55
C ASP B 171 -7.77 -15.50 -28.89
N SER B 172 -8.49 -16.50 -29.43
CA SER B 172 -7.90 -17.80 -29.69
C SER B 172 -6.88 -17.78 -30.83
N ASP B 173 -6.99 -16.83 -31.76
CA ASP B 173 -6.11 -16.79 -32.93
C ASP B 173 -4.85 -15.97 -32.68
N GLY B 174 -4.59 -15.56 -31.44
CA GLY B 174 -3.44 -14.74 -31.13
C GLY B 174 -3.69 -13.25 -31.18
N SER B 175 -4.82 -12.81 -31.72
CA SER B 175 -5.15 -11.39 -31.76
C SER B 175 -5.95 -11.02 -30.52
N PHE B 176 -6.19 -9.71 -30.36
CA PHE B 176 -6.91 -9.18 -29.23
C PHE B 176 -8.26 -8.62 -29.67
N PHE B 177 -9.16 -8.51 -28.70
CA PHE B 177 -10.44 -7.85 -28.90
C PHE B 177 -10.81 -7.09 -27.63
N LEU B 178 -11.73 -6.13 -27.78
CA LEU B 178 -12.26 -5.41 -26.64
C LEU B 178 -13.65 -4.89 -26.98
N TYR B 179 -14.33 -4.37 -25.97
CA TYR B 179 -15.61 -3.72 -26.12
C TYR B 179 -15.57 -2.37 -25.44
N SER B 180 -16.25 -1.39 -26.04
CA SER B 180 -16.43 -0.07 -25.45
C SER B 180 -17.92 0.20 -25.33
N LYS B 181 -18.36 0.56 -24.13
CA LYS B 181 -19.78 0.80 -23.85
C LYS B 181 -19.99 2.29 -23.61
N LEU B 182 -20.76 2.91 -24.50
CA LEU B 182 -21.15 4.31 -24.35
C LEU B 182 -22.58 4.37 -23.81
N THR B 183 -22.76 5.06 -22.69
CA THR B 183 -24.06 5.21 -22.07
C THR B 183 -24.62 6.60 -22.38
N VAL B 184 -25.77 6.63 -23.03
CA VAL B 184 -26.44 7.88 -23.37
C VAL B 184 -27.90 7.80 -22.91
N ASP B 185 -28.49 8.98 -22.70
CA ASP B 185 -29.90 9.05 -22.37
C ASP B 185 -30.73 8.50 -23.53
N LYS B 186 -31.81 7.79 -23.19
CA LYS B 186 -32.66 7.18 -24.21
C LYS B 186 -33.22 8.22 -25.17
N SER B 187 -33.51 9.43 -24.68
CA SER B 187 -34.05 10.46 -25.56
C SER B 187 -33.05 10.85 -26.64
N ARG B 188 -31.77 10.94 -26.29
CA ARG B 188 -30.75 11.28 -27.29
C ARG B 188 -30.67 10.22 -28.37
N TRP B 189 -30.86 8.95 -28.00
CA TRP B 189 -30.80 7.87 -28.99
C TRP B 189 -32.01 7.88 -29.89
N GLN B 190 -33.21 7.99 -29.30
CA GLN B 190 -34.43 7.95 -30.09
C GLN B 190 -34.63 9.22 -30.93
N GLN B 191 -33.98 10.32 -30.57
CA GLN B 191 -34.06 11.53 -31.36
C GLN B 191 -33.18 11.50 -32.60
N GLY B 192 -32.46 10.41 -32.83
CA GLY B 192 -31.71 10.22 -34.06
C GLY B 192 -30.31 10.78 -34.07
N ASN B 193 -29.74 11.14 -32.92
CA ASN B 193 -28.39 11.64 -32.89
C ASN B 193 -27.40 10.57 -33.34
N VAL B 194 -26.37 11.01 -34.06
CA VAL B 194 -25.36 10.11 -34.60
C VAL B 194 -24.18 10.08 -33.65
N PHE B 195 -23.81 8.89 -33.21
CA PHE B 195 -22.67 8.67 -32.33
C PHE B 195 -21.60 7.89 -33.08
N SER B 196 -20.34 8.26 -32.85
CA SER B 196 -19.21 7.69 -33.57
C SER B 196 -18.22 7.08 -32.60
N CYS B 197 -17.75 5.88 -32.93
CA CYS B 197 -16.70 5.20 -32.18
C CYS B 197 -15.39 5.34 -32.95
N SER B 198 -14.41 6.01 -32.35
CA SER B 198 -13.12 6.25 -32.96
CA SER B 198 -13.12 6.26 -32.98
C SER B 198 -12.08 5.30 -32.38
N VAL B 199 -11.42 4.54 -33.25
CA VAL B 199 -10.42 3.57 -32.85
C VAL B 199 -9.08 3.96 -33.46
N MET B 200 -8.04 3.99 -32.64
CA MET B 200 -6.69 4.36 -33.08
C MET B 200 -5.75 3.18 -32.88
N HIS B 201 -5.09 2.76 -33.95
CA HIS B 201 -4.21 1.61 -33.92
C HIS B 201 -3.22 1.73 -35.07
N GLU B 202 -1.99 1.23 -34.84
CA GLU B 202 -0.93 1.42 -35.82
C GLU B 202 -1.19 0.67 -37.12
N ALA B 203 -2.02 -0.38 -37.09
CA ALA B 203 -2.30 -1.18 -38.28
C ALA B 203 -3.41 -0.59 -39.13
N LEU B 204 -4.01 0.52 -38.72
CA LEU B 204 -5.05 1.18 -39.50
C LEU B 204 -4.44 2.26 -40.38
N HIS B 205 -5.09 2.51 -41.51
CA HIS B 205 -4.65 3.60 -42.39
C HIS B 205 -4.84 4.93 -41.70
N ASN B 206 -3.79 5.76 -41.70
CA ASN B 206 -3.72 7.00 -40.93
C ASN B 206 -3.91 6.76 -39.44
N HIS B 207 -3.65 5.53 -38.98
CA HIS B 207 -3.67 5.15 -37.57
C HIS B 207 -5.04 5.36 -36.92
N TYR B 208 -6.11 5.33 -37.71
CA TYR B 208 -7.44 5.51 -37.13
C TYR B 208 -8.49 5.00 -38.09
N THR B 209 -9.63 4.60 -37.52
CA THR B 209 -10.88 4.44 -38.24
C THR B 209 -12.00 4.82 -37.29
N GLN B 210 -13.16 5.13 -37.85
CA GLN B 210 -14.30 5.45 -37.01
C GLN B 210 -15.58 4.98 -37.69
N LYS B 211 -16.49 4.42 -36.90
CA LYS B 211 -17.76 3.93 -37.37
C LYS B 211 -18.88 4.61 -36.59
N SER B 212 -19.96 4.95 -37.29
CA SER B 212 -21.07 5.67 -36.70
C SER B 212 -22.19 4.73 -36.31
N LEU B 213 -23.09 5.24 -35.46
CA LEU B 213 -24.20 4.46 -34.95
C LEU B 213 -25.35 5.42 -34.65
N SER B 214 -26.53 5.14 -35.22
CA SER B 214 -27.67 6.01 -35.01
C SER B 214 -28.95 5.21 -35.14
N LEU B 215 -29.97 5.64 -34.42
CA LEU B 215 -31.29 5.02 -34.49
C LEU B 215 -31.89 5.29 -35.86
N SER B 216 -31.92 4.29 -36.72
CA SER B 216 -32.65 4.46 -37.96
C SER B 216 -33.25 3.15 -38.47
N PRO B 217 -34.26 2.57 -37.80
CA PRO B 217 -35.05 1.54 -38.48
C PRO B 217 -36.14 2.12 -39.36
N GLY B 218 -36.41 3.40 -39.22
CA GLY B 218 -37.39 4.12 -40.03
C GLY B 218 -37.11 5.60 -40.07
N ALA C 1 17.87 6.89 51.98
CA ALA C 1 18.70 6.40 50.88
C ALA C 1 17.96 6.47 49.56
N PRO C 2 18.67 6.77 48.48
CA PRO C 2 18.05 6.84 47.16
C PRO C 2 17.57 5.48 46.68
N LYS C 3 16.79 5.50 45.61
CA LYS C 3 16.22 4.28 45.06
C LYS C 3 17.25 3.48 44.28
N ALA C 4 17.05 2.17 44.22
CA ALA C 4 17.79 1.34 43.29
C ALA C 4 17.33 1.66 41.87
N VAL C 5 18.16 1.26 40.89
CA VAL C 5 17.87 1.51 39.48
C VAL C 5 18.18 0.25 38.69
N ILE C 6 17.23 -0.19 37.88
CA ILE C 6 17.43 -1.35 37.02
C ILE C 6 17.90 -0.89 35.65
N LYS C 7 18.95 -1.52 35.16
CA LYS C 7 19.45 -1.30 33.81
C LYS C 7 19.35 -2.60 33.01
N LEU C 8 19.02 -2.47 31.72
CA LEU C 8 18.92 -3.61 30.82
C LEU C 8 20.14 -3.66 29.90
N GLN C 9 20.68 -4.86 29.73
CA GLN C 9 21.77 -5.11 28.79
C GLN C 9 21.45 -6.36 27.98
N PRO C 10 21.09 -6.23 26.69
CA PRO C 10 20.89 -5.00 25.91
C PRO C 10 19.73 -4.16 26.44
N PRO C 11 19.70 -2.86 26.14
CA PRO C 11 18.70 -1.98 26.77
C PRO C 11 17.30 -2.13 26.21
N TRP C 12 17.07 -3.05 25.28
CA TRP C 12 15.77 -3.13 24.62
C TRP C 12 14.72 -3.73 25.56
N VAL C 13 13.60 -3.02 25.73
CA VAL C 13 12.55 -3.47 26.63
C VAL C 13 11.66 -4.54 26.01
N SER C 14 11.87 -4.88 24.75
CA SER C 14 11.14 -5.96 24.08
C SER C 14 12.15 -6.89 23.43
N VAL C 15 12.00 -8.19 23.68
CA VAL C 15 12.90 -9.20 23.12
C VAL C 15 12.09 -10.30 22.47
N PHE C 16 12.77 -11.09 21.65
CA PHE C 16 12.14 -12.26 21.06
C PHE C 16 12.18 -13.43 22.03
N GLN C 17 11.32 -14.42 21.78
CA GLN C 17 11.36 -15.66 22.53
C GLN C 17 12.73 -16.32 22.36
N GLU C 18 13.24 -16.89 23.45
CA GLU C 18 14.52 -17.61 23.52
C GLU C 18 15.72 -16.69 23.39
N GLU C 19 15.53 -15.37 23.39
CA GLU C 19 16.66 -14.44 23.45
C GLU C 19 17.04 -14.20 24.91
N SER C 20 18.24 -13.65 25.10
CA SER C 20 18.80 -13.44 26.43
C SER C 20 18.90 -11.95 26.74
N VAL C 21 18.77 -11.63 28.03
CA VAL C 21 18.89 -10.27 28.52
C VAL C 21 19.32 -10.33 29.98
N THR C 22 20.16 -9.38 30.38
CA THR C 22 20.67 -9.30 31.74
C THR C 22 20.16 -8.02 32.39
N LEU C 23 19.61 -8.15 33.59
CA LEU C 23 19.11 -7.02 34.37
C LEU C 23 20.14 -6.66 35.44
N HIS C 24 20.47 -5.37 35.52
CA HIS C 24 21.46 -4.87 36.47
C HIS C 24 20.78 -4.02 37.52
N CYS C 25 20.97 -4.38 38.79
CA CYS C 25 20.44 -3.61 39.91
C CYS C 25 21.53 -2.69 40.43
N GLU C 26 21.42 -1.40 40.12
CA GLU C 26 22.41 -0.42 40.50
C GLU C 26 21.93 0.39 41.70
N VAL C 27 22.78 0.52 42.71
CA VAL C 27 22.53 1.37 43.86
C VAL C 27 23.70 2.34 43.97
N PRO C 28 23.44 3.64 44.18
CA PRO C 28 24.53 4.62 44.18
C PRO C 28 25.62 4.34 45.21
N HIS C 29 25.23 4.23 46.47
CA HIS C 29 26.19 3.86 47.53
C HIS C 29 26.63 2.42 47.29
N LEU C 30 27.82 2.26 46.72
CA LEU C 30 28.33 0.97 46.30
C LEU C 30 28.47 0.02 47.49
N PRO C 31 27.72 -1.09 47.52
CA PRO C 31 27.86 -2.04 48.64
C PRO C 31 28.78 -3.19 48.30
N GLY C 32 29.18 -3.95 49.31
CA GLY C 32 30.02 -5.11 49.11
C GLY C 32 29.48 -6.35 49.77
N SER C 33 29.24 -7.41 48.99
CA SER C 33 28.73 -8.69 49.48
C SER C 33 27.40 -8.50 50.20
N SER C 34 26.45 -7.86 49.53
CA SER C 34 25.11 -7.66 50.05
C SER C 34 24.11 -8.27 49.08
N SER C 35 23.07 -8.90 49.64
CA SER C 35 22.08 -9.59 48.82
C SER C 35 21.29 -8.60 47.98
N THR C 36 20.76 -9.10 46.86
CA THR C 36 19.90 -8.32 45.97
C THR C 36 18.52 -8.98 45.92
N GLN C 37 17.48 -8.19 46.13
CA GLN C 37 16.11 -8.67 46.10
C GLN C 37 15.51 -8.33 44.74
N TRP C 38 15.11 -9.37 44.00
CA TRP C 38 14.50 -9.20 42.69
C TRP C 38 13.02 -9.53 42.76
N PHE C 39 12.20 -8.78 42.02
CA PHE C 39 10.76 -8.95 42.03
C PHE C 39 10.25 -8.94 40.59
N LEU C 40 9.37 -9.89 40.26
CA LEU C 40 8.67 -9.92 38.99
C LEU C 40 7.18 -9.78 39.29
N ASN C 41 6.61 -8.64 38.94
CA ASN C 41 5.19 -8.34 39.21
C ASN C 41 4.89 -8.45 40.70
N GLY C 42 5.79 -7.94 41.54
CA GLY C 42 5.63 -7.99 42.96
C GLY C 42 6.04 -9.29 43.62
N THR C 43 6.25 -10.35 42.85
CA THR C 43 6.61 -11.66 43.38
C THR C 43 8.12 -11.79 43.46
N ALA C 44 8.61 -12.23 44.62
CA ALA C 44 10.05 -12.38 44.83
C ALA C 44 10.63 -13.44 43.91
N ILE C 45 11.79 -13.13 43.32
CA ILE C 45 12.52 -14.04 42.44
C ILE C 45 13.62 -14.70 43.23
N GLN C 46 13.86 -15.99 42.98
CA GLN C 46 14.86 -16.75 43.71
C GLN C 46 16.25 -16.59 43.06
N THR C 47 16.68 -15.34 43.00
CA THR C 47 18.03 -14.98 42.55
C THR C 47 18.47 -13.77 43.37
N SER C 48 19.69 -13.85 43.93
CA SER C 48 20.16 -12.84 44.85
C SER C 48 21.44 -12.14 44.40
N THR C 49 21.98 -12.48 43.24
CA THR C 49 23.14 -11.78 42.71
C THR C 49 22.76 -10.36 42.29
N PRO C 50 23.73 -9.45 42.22
CA PRO C 50 23.40 -8.07 41.81
C PRO C 50 22.90 -7.96 40.38
N THR C 51 23.14 -8.96 39.53
CA THR C 51 22.57 -9.00 38.19
C THR C 51 21.67 -10.22 38.06
N TYR C 52 20.70 -10.11 37.16
CA TYR C 52 19.75 -11.19 36.89
C TYR C 52 19.75 -11.48 35.40
N HIS C 53 20.12 -12.71 35.04
CA HIS C 53 20.30 -13.09 33.64
C HIS C 53 19.17 -14.01 33.22
N ILE C 54 18.42 -13.59 32.20
CA ILE C 54 17.44 -14.44 31.54
C ILE C 54 18.14 -15.10 30.36
N THR C 55 18.29 -16.42 30.41
CA THR C 55 19.06 -17.13 29.39
C THR C 55 18.24 -17.42 28.14
N SER C 56 16.98 -17.81 28.29
CA SER C 56 16.09 -18.08 27.17
C SER C 56 14.72 -17.49 27.51
N ALA C 57 14.44 -16.32 26.94
CA ALA C 57 13.23 -15.59 27.31
C ALA C 57 11.97 -16.34 26.88
N SER C 58 10.97 -16.30 27.74
CA SER C 58 9.65 -16.85 27.45
C SER C 58 8.61 -15.89 28.00
N GLU C 59 7.33 -16.22 27.80
CA GLU C 59 6.25 -15.38 28.31
C GLU C 59 6.26 -15.27 29.83
N ASP C 60 6.83 -16.25 30.53
CA ASP C 60 6.88 -16.19 31.99
C ASP C 60 7.80 -15.09 32.50
N ASP C 61 8.70 -14.58 31.65
CA ASP C 61 9.61 -13.51 32.03
C ASP C 61 9.05 -12.13 31.78
N SER C 62 7.86 -12.02 31.19
CA SER C 62 7.28 -10.72 30.89
C SER C 62 6.63 -10.13 32.14
N GLY C 63 6.70 -8.82 32.27
CA GLY C 63 6.10 -8.11 33.36
C GLY C 63 7.02 -7.04 33.89
N GLU C 64 6.66 -6.50 35.06
CA GLU C 64 7.43 -5.44 35.69
C GLU C 64 8.49 -6.04 36.62
N TYR C 65 9.73 -5.60 36.44
CA TYR C 65 10.83 -5.99 37.30
C TYR C 65 11.19 -4.84 38.23
N ARG C 66 11.42 -5.17 39.49
CA ARG C 66 11.91 -4.21 40.48
C ARG C 66 12.99 -4.89 41.31
N CYS C 67 13.90 -4.08 41.86
CA CYS C 67 15.02 -4.62 42.61
C CYS C 67 15.32 -3.72 43.80
N GLN C 68 16.05 -4.27 44.76
CA GLN C 68 16.38 -3.56 45.99
C GLN C 68 17.59 -4.24 46.62
N ARG C 69 18.52 -3.42 47.13
CA ARG C 69 19.73 -3.95 47.76
C ARG C 69 20.14 -3.07 48.92
N GLY C 70 20.38 -3.69 50.07
CA GLY C 70 20.88 -2.95 51.22
C GLY C 70 19.82 -2.03 51.80
N LEU C 71 20.19 -0.77 52.02
CA LEU C 71 19.29 0.23 52.58
C LEU C 71 18.57 1.04 51.51
N SER C 72 18.71 0.67 50.24
CA SER C 72 18.08 1.43 49.18
C SER C 72 16.58 1.17 49.15
N GLY C 73 15.85 2.13 48.58
CA GLY C 73 14.47 1.90 48.27
C GLY C 73 14.30 1.04 47.03
N ARG C 74 13.14 0.37 46.95
CA ARG C 74 12.88 -0.49 45.80
C ARG C 74 12.85 0.33 44.53
N SER C 75 13.40 -0.23 43.46
CA SER C 75 13.58 0.50 42.22
C SER C 75 12.24 0.79 41.54
N ASP C 76 12.24 1.80 40.67
CA ASP C 76 11.12 2.00 39.77
C ASP C 76 11.03 0.81 38.82
N PRO C 77 9.82 0.41 38.43
CA PRO C 77 9.68 -0.80 37.63
C PRO C 77 10.12 -0.61 36.19
N ILE C 78 10.72 -1.66 35.64
CA ILE C 78 11.03 -1.76 34.21
C ILE C 78 10.16 -2.86 33.63
N GLN C 79 9.47 -2.57 32.53
CA GLN C 79 8.56 -3.51 31.91
C GLN C 79 9.27 -4.23 30.77
N LEU C 80 9.35 -5.55 30.86
CA LEU C 80 9.96 -6.38 29.83
C LEU C 80 8.85 -7.15 29.10
N GLU C 81 8.89 -7.13 27.77
CA GLU C 81 7.94 -7.84 26.95
C GLU C 81 8.67 -8.86 26.08
N VAL C 82 8.10 -10.06 26.01
CA VAL C 82 8.63 -11.14 25.19
C VAL C 82 7.65 -11.38 24.05
N HIS C 83 8.15 -11.31 22.81
CA HIS C 83 7.31 -11.41 21.64
C HIS C 83 7.80 -12.51 20.71
N ARG C 84 6.91 -12.90 19.80
CA ARG C 84 7.24 -13.80 18.70
C ARG C 84 6.79 -13.14 17.41
N GLY C 85 7.63 -13.22 16.39
CA GLY C 85 7.31 -12.62 15.11
C GLY C 85 8.53 -12.50 14.24
N TRP C 86 8.32 -11.85 13.08
CA TRP C 86 9.40 -11.66 12.13
C TRP C 86 10.28 -10.47 12.51
N LEU C 87 9.68 -9.34 12.80
CA LEU C 87 10.40 -8.13 13.16
C LEU C 87 9.91 -7.60 14.50
N LEU C 88 10.81 -6.98 15.23
CA LEU C 88 10.51 -6.42 16.55
C LEU C 88 11.15 -5.05 16.64
N LEU C 89 10.33 -4.01 16.80
CA LEU C 89 10.87 -2.67 17.00
C LEU C 89 11.23 -2.51 18.47
N GLN C 90 12.53 -2.48 18.74
CA GLN C 90 13.07 -2.39 20.09
C GLN C 90 13.35 -0.93 20.42
N VAL C 91 12.91 -0.50 21.61
CA VAL C 91 13.15 0.85 22.08
C VAL C 91 13.93 0.76 23.38
N SER C 92 14.69 1.82 23.68
CA SER C 92 15.46 1.87 24.91
C SER C 92 14.63 2.34 26.11
N SER C 93 13.47 2.94 25.86
CA SER C 93 12.61 3.44 26.92
C SER C 93 11.22 3.67 26.35
N ARG C 94 10.20 3.34 27.15
CA ARG C 94 8.81 3.59 26.77
C ARG C 94 8.35 5.01 27.10
N VAL C 95 8.88 5.62 28.16
CA VAL C 95 8.50 6.96 28.57
C VAL C 95 9.78 7.78 28.72
N LEU C 96 9.77 9.00 28.19
CA LEU C 96 10.94 9.86 28.22
C LEU C 96 10.53 11.29 28.52
N THR C 97 11.50 12.08 28.97
CA THR C 97 11.36 13.52 29.10
C THR C 97 12.05 14.19 27.91
N GLU C 98 11.55 15.37 27.53
CA GLU C 98 12.15 16.13 26.45
C GLU C 98 13.65 16.30 26.68
N GLY C 99 14.42 16.13 25.61
CA GLY C 99 15.85 16.24 25.67
C GLY C 99 16.59 14.95 25.97
N GLU C 100 15.88 13.92 26.43
CA GLU C 100 16.52 12.63 26.69
C GLU C 100 16.54 11.79 25.41
N PRO C 101 17.68 11.25 25.03
CA PRO C 101 17.77 10.53 23.74
C PRO C 101 16.94 9.25 23.74
N LEU C 102 16.44 8.92 22.54
CA LEU C 102 15.66 7.71 22.30
C LEU C 102 16.37 6.86 21.27
N ALA C 103 16.54 5.57 21.56
CA ALA C 103 17.20 4.64 20.67
C ALA C 103 16.19 3.65 20.11
N LEU C 104 16.23 3.43 18.81
CA LEU C 104 15.33 2.50 18.13
C LEU C 104 16.14 1.45 17.39
N ARG C 105 15.57 0.25 17.29
CA ARG C 105 16.21 -0.84 16.57
C ARG C 105 15.15 -1.71 15.92
N CYS C 106 15.33 -1.97 14.62
CA CYS C 106 14.45 -2.88 13.88
C CYS C 106 15.11 -4.26 13.90
N HIS C 107 14.69 -5.09 14.85
CA HIS C 107 15.36 -6.35 15.14
C HIS C 107 14.69 -7.49 14.40
N ALA C 108 15.50 -8.27 13.67
CA ALA C 108 14.98 -9.40 12.91
C ALA C 108 15.09 -10.68 13.72
N TRP C 109 14.07 -11.53 13.60
CA TRP C 109 14.02 -12.80 14.30
C TRP C 109 15.27 -13.63 13.99
N LYS C 110 15.89 -14.18 15.04
CA LYS C 110 17.08 -15.01 14.93
C LYS C 110 18.25 -14.28 14.27
N ASP C 111 18.28 -12.94 14.39
CA ASP C 111 19.35 -12.11 13.84
C ASP C 111 19.51 -12.28 12.33
N LYS C 112 18.41 -12.54 11.63
CA LYS C 112 18.46 -12.67 10.18
C LYS C 112 18.66 -11.29 9.55
N LEU C 113 18.82 -11.28 8.23
CA LEU C 113 19.14 -10.07 7.48
C LEU C 113 17.87 -9.49 6.86
N VAL C 114 17.68 -8.19 7.01
CA VAL C 114 16.70 -7.43 6.24
C VAL C 114 17.40 -6.18 5.71
N TYR C 115 16.93 -5.68 4.58
CA TYR C 115 17.45 -4.47 3.97
C TYR C 115 16.29 -3.57 3.57
N ASN C 116 16.63 -2.35 3.15
CA ASN C 116 15.64 -1.33 2.80
C ASN C 116 14.61 -1.16 3.92
N VAL C 117 15.14 -0.81 5.10
CA VAL C 117 14.34 -0.77 6.32
C VAL C 117 13.64 0.58 6.42
N LEU C 118 12.38 0.56 6.87
CA LEU C 118 11.62 1.76 7.14
C LEU C 118 11.27 1.81 8.62
N TYR C 119 11.52 2.97 9.24
CA TYR C 119 11.05 3.25 10.60
C TYR C 119 9.81 4.11 10.53
N TYR C 120 8.76 3.71 11.25
CA TYR C 120 7.47 4.39 11.21
C TYR C 120 7.18 5.08 12.52
N ARG C 121 6.52 6.24 12.44
CA ARG C 121 5.94 6.92 13.59
C ARG C 121 4.50 7.26 13.27
N ASN C 122 3.56 6.68 14.01
CA ASN C 122 2.12 6.94 13.85
C ASN C 122 1.67 6.65 12.42
N GLY C 123 2.17 5.57 11.85
CA GLY C 123 1.75 5.11 10.54
C GLY C 123 2.54 5.65 9.37
N LYS C 124 3.33 6.70 9.59
CA LYS C 124 4.13 7.31 8.53
C LYS C 124 5.60 6.96 8.74
N ALA C 125 6.24 6.51 7.66
CA ALA C 125 7.66 6.20 7.69
C ALA C 125 8.47 7.49 7.63
N PHE C 126 9.33 7.70 8.62
CA PHE C 126 10.12 8.92 8.71
C PHE C 126 11.60 8.70 8.46
N LYS C 127 12.04 7.46 8.26
CA LYS C 127 13.45 7.17 8.07
C LYS C 127 13.60 5.91 7.25
N PHE C 128 14.56 5.93 6.32
CA PHE C 128 14.80 4.82 5.39
C PHE C 128 16.29 4.49 5.39
N PHE C 129 16.60 3.20 5.53
CA PHE C 129 17.97 2.71 5.52
C PHE C 129 18.09 1.61 4.47
N HIS C 130 19.06 1.76 3.56
CA HIS C 130 19.33 0.69 2.60
C HIS C 130 19.75 -0.59 3.31
N TRP C 131 20.60 -0.46 4.32
CA TRP C 131 21.04 -1.59 5.12
C TRP C 131 20.62 -1.37 6.56
N ASN C 132 20.23 -2.46 7.23
CA ASN C 132 19.59 -2.34 8.54
C ASN C 132 20.52 -1.64 9.53
N SER C 133 19.99 -0.61 10.19
CA SER C 133 20.76 0.22 11.09
C SER C 133 19.85 0.70 12.21
N ASN C 134 20.42 0.83 13.40
CA ASN C 134 19.69 1.43 14.50
C ASN C 134 19.50 2.93 14.26
N LEU C 135 18.59 3.51 15.01
CA LEU C 135 18.23 4.92 14.87
C LEU C 135 18.14 5.56 16.26
N THR C 136 18.86 6.66 16.45
CA THR C 136 18.88 7.40 17.70
C THR C 136 18.37 8.82 17.46
N ILE C 137 17.44 9.25 18.29
CA ILE C 137 16.94 10.61 18.27
C ILE C 137 17.47 11.28 19.55
N LEU C 138 18.48 12.14 19.39
CA LEU C 138 19.15 12.72 20.56
C LEU C 138 18.25 13.71 21.28
N LYS C 139 17.86 14.79 20.60
CA LYS C 139 17.05 15.84 21.22
C LYS C 139 15.58 15.51 20.97
N THR C 140 14.99 14.71 21.85
CA THR C 140 13.60 14.35 21.74
C THR C 140 12.70 15.48 22.22
N ASN C 141 11.51 15.55 21.64
CA ASN C 141 10.48 16.49 22.06
C ASN C 141 9.13 15.77 21.98
N MET C 142 8.07 16.52 22.29
CA MET C 142 6.74 15.92 22.36
C MET C 142 6.29 15.36 21.02
N SER C 143 6.77 15.93 19.91
CA SER C 143 6.38 15.44 18.58
C SER C 143 6.88 14.03 18.30
N HIS C 144 7.89 13.56 19.02
CA HIS C 144 8.42 12.22 18.83
C HIS C 144 7.61 11.16 19.56
N SER C 145 6.56 11.55 20.29
CA SER C 145 5.68 10.58 20.91
C SER C 145 4.78 9.94 19.86
N GLY C 146 4.42 8.68 20.10
CA GLY C 146 3.49 7.99 19.24
C GLY C 146 3.81 6.51 19.17
N THR C 147 3.15 5.85 18.21
CA THR C 147 3.33 4.42 18.00
C THR C 147 4.42 4.19 16.96
N TYR C 148 5.43 3.43 17.34
CA TYR C 148 6.56 3.14 16.47
C TYR C 148 6.51 1.70 15.99
N HIS C 149 6.84 1.49 14.72
CA HIS C 149 7.07 0.15 14.18
C HIS C 149 8.02 0.27 13.01
N CYS C 150 8.43 -0.88 12.48
CA CYS C 150 9.37 -0.89 11.36
C CYS C 150 9.00 -1.99 10.37
N SER C 151 9.58 -1.88 9.19
CA SER C 151 9.43 -2.89 8.14
C SER C 151 10.76 -3.06 7.43
N GLY C 152 11.01 -4.29 6.97
CA GLY C 152 12.24 -4.58 6.27
C GLY C 152 12.02 -5.67 5.24
N MET C 153 12.92 -5.71 4.25
CA MET C 153 12.83 -6.67 3.16
C MET C 153 13.79 -7.82 3.42
N GLY C 154 13.24 -9.02 3.61
CA GLY C 154 14.02 -10.24 3.61
C GLY C 154 13.74 -11.03 2.35
N LYS C 155 13.32 -12.28 2.50
CA LYS C 155 12.76 -13.00 1.35
C LYS C 155 11.47 -12.32 0.89
N ARG C 156 10.67 -11.85 1.84
CA ARG C 156 9.52 -10.98 1.59
C ARG C 156 9.66 -9.74 2.47
N ARG C 157 8.78 -8.77 2.27
CA ARG C 157 8.76 -7.61 3.13
C ARG C 157 7.99 -7.94 4.39
N TYR C 158 8.63 -7.77 5.54
CA TYR C 158 8.03 -8.07 6.83
C TYR C 158 7.86 -6.78 7.63
N THR C 159 6.87 -6.79 8.52
CA THR C 159 6.49 -5.61 9.30
C THR C 159 6.33 -6.00 10.76
N SER C 160 6.86 -5.16 11.64
CA SER C 160 6.79 -5.40 13.07
C SER C 160 5.48 -4.85 13.63
N ALA C 161 5.14 -5.30 14.84
CA ALA C 161 4.04 -4.72 15.56
C ALA C 161 4.42 -3.36 16.14
N GLY C 162 3.42 -2.58 16.51
CA GLY C 162 3.68 -1.26 17.05
C GLY C 162 3.98 -1.28 18.53
N ILE C 163 4.68 -0.24 18.97
CA ILE C 163 4.92 -0.02 20.39
C ILE C 163 4.91 1.48 20.63
N SER C 164 4.29 1.89 21.73
CA SER C 164 4.08 3.30 22.00
C SER C 164 5.22 3.87 22.83
N VAL C 165 5.63 5.09 22.48
CA VAL C 165 6.65 5.84 23.21
C VAL C 165 6.10 7.22 23.49
N THR C 166 6.27 7.69 24.73
CA THR C 166 5.80 9.01 25.14
C THR C 166 7.00 9.87 25.53
N VAL C 167 7.04 11.09 25.02
CA VAL C 167 8.06 12.06 25.38
C VAL C 167 7.34 13.19 26.11
N LYS C 168 7.42 13.19 27.44
CA LYS C 168 6.68 14.16 28.23
C LYS C 168 7.33 15.53 28.14
N GLU C 169 6.49 16.56 28.01
CA GLU C 169 7.00 17.93 27.97
C GLU C 169 7.42 18.38 29.36
N LEU C 170 8.42 19.26 29.39
CA LEU C 170 8.98 19.76 30.64
C LEU C 170 8.38 21.09 31.07
N PHE C 171 8.31 22.06 30.16
CA PHE C 171 7.70 23.36 30.42
C PHE C 171 7.17 23.91 29.11
N PRO C 172 6.05 24.65 29.15
CA PRO C 172 5.49 25.21 27.91
C PRO C 172 6.32 26.35 27.35
N ALA C 173 5.84 26.97 26.28
CA ALA C 173 6.57 28.07 25.66
C ALA C 173 6.54 29.27 26.59
N PRO C 174 7.69 29.84 26.93
CA PRO C 174 7.70 30.92 27.94
C PRO C 174 7.19 32.25 27.39
N VAL C 175 5.86 32.45 27.38
CA VAL C 175 5.30 33.70 26.90
C VAL C 175 5.74 34.84 27.81
N LEU C 176 5.98 36.01 27.21
CA LEU C 176 6.45 37.20 27.93
C LEU C 176 5.28 38.15 28.15
N THR C 177 4.77 38.20 29.38
CA THR C 177 3.67 39.08 29.69
C THR C 177 4.14 40.52 29.86
N ALA C 178 3.17 41.44 29.92
CA ALA C 178 3.42 42.86 30.13
C ALA C 178 2.62 43.30 31.36
N SER C 179 3.32 43.67 32.42
CA SER C 179 2.65 44.14 33.63
C SER C 179 2.14 45.57 33.46
N VAL C 180 3.04 46.49 33.11
CA VAL C 180 2.65 47.87 32.87
C VAL C 180 2.14 47.99 31.44
N THR C 181 0.98 48.63 31.28
CA THR C 181 0.35 48.75 29.98
C THR C 181 1.14 49.71 29.09
N SER C 182 1.10 49.44 27.78
CA SER C 182 1.77 50.25 26.77
C SER C 182 0.75 50.94 25.89
N PRO C 183 0.92 52.24 25.60
CA PRO C 183 2.03 53.13 25.97
C PRO C 183 2.05 53.53 27.45
N LEU C 184 3.06 54.31 27.85
CA LEU C 184 3.29 54.63 29.26
C LEU C 184 4.23 55.83 29.34
N LEU C 185 4.18 56.52 30.47
CA LEU C 185 4.98 57.72 30.66
C LEU C 185 6.46 57.38 30.76
N GLU C 186 7.29 58.13 30.04
CA GLU C 186 8.73 57.99 30.18
C GLU C 186 8.75 58.08 31.70
N GLY C 187 9.68 57.56 32.38
CA GLY C 187 9.78 57.70 33.83
C GLY C 187 9.08 56.82 34.84
N THR C 188 8.35 55.82 34.37
CA THR C 188 7.62 54.92 35.25
C THR C 188 8.26 53.54 35.24
N PRO C 189 8.47 52.92 36.41
CA PRO C 189 9.14 51.62 36.44
C PRO C 189 8.36 50.54 35.68
N VAL C 190 9.11 49.59 35.14
CA VAL C 190 8.54 48.47 34.40
C VAL C 190 8.95 47.17 35.08
N THR C 191 8.09 46.15 34.95
CA THR C 191 8.33 44.84 35.54
C THR C 191 8.10 43.78 34.46
N LEU C 192 9.19 43.22 33.93
CA LEU C 192 9.12 42.19 32.91
C LEU C 192 9.07 40.81 33.55
N SER C 193 8.38 39.88 32.88
CA SER C 193 8.18 38.54 33.38
C SER C 193 8.24 37.55 32.24
N CYS C 194 8.76 36.36 32.53
CA CYS C 194 8.81 35.26 31.57
C CYS C 194 7.93 34.14 32.12
N GLU C 195 6.80 33.88 31.43
CA GLU C 195 5.74 33.03 31.96
C GLU C 195 5.91 31.61 31.45
N THR C 196 6.44 30.74 32.32
CA THR C 196 6.47 29.31 32.10
C THR C 196 6.80 28.64 33.44
N LYS C 197 6.30 27.42 33.61
CA LYS C 197 6.57 26.67 34.83
C LYS C 197 6.53 25.18 34.51
N LEU C 198 7.02 24.38 35.44
CA LEU C 198 7.20 22.96 35.19
C LEU C 198 5.87 22.23 35.09
N LEU C 199 5.91 21.08 34.43
CA LEU C 199 4.79 20.16 34.30
C LEU C 199 4.97 18.89 35.12
N LEU C 200 6.19 18.38 35.20
CA LEU C 200 6.50 17.18 35.97
C LEU C 200 7.12 17.56 37.31
N GLN C 201 7.11 16.60 38.23
CA GLN C 201 7.68 16.79 39.57
C GLN C 201 9.18 16.50 39.51
N ARG C 202 9.94 17.52 39.11
CA ARG C 202 11.39 17.45 39.08
C ARG C 202 11.92 18.15 40.33
N PRO C 203 12.35 17.41 41.36
CA PRO C 203 12.78 18.08 42.60
C PRO C 203 13.99 18.99 42.41
N GLY C 204 15.07 18.47 41.84
CA GLY C 204 16.27 19.25 41.64
C GLY C 204 16.45 19.79 40.23
N LEU C 205 15.49 20.61 39.79
CA LEU C 205 15.57 21.23 38.47
C LEU C 205 15.19 22.69 38.58
N GLN C 206 15.91 23.54 37.85
CA GLN C 206 15.67 24.97 37.85
C GLN C 206 15.91 25.51 36.44
N LEU C 207 14.95 26.27 35.94
CA LEU C 207 15.06 26.89 34.62
C LEU C 207 15.75 28.23 34.72
N TYR C 208 16.50 28.57 33.67
CA TYR C 208 17.24 29.83 33.60
C TYR C 208 16.81 30.58 32.34
N PHE C 209 16.33 31.80 32.52
CA PHE C 209 15.70 32.57 31.47
C PHE C 209 16.65 33.63 30.93
N SER C 210 16.36 34.10 29.72
CA SER C 210 17.15 35.14 29.07
C SER C 210 16.21 36.09 28.36
N PHE C 211 16.35 37.38 28.65
CA PHE C 211 15.49 38.43 28.10
C PHE C 211 16.19 39.09 26.92
N TYR C 212 15.54 39.06 25.76
CA TYR C 212 16.08 39.66 24.55
C TYR C 212 15.17 40.77 24.05
N MET C 213 15.75 41.64 23.23
CA MET C 213 15.00 42.69 22.54
C MET C 213 15.65 42.87 21.17
N GLY C 214 14.90 42.56 20.11
CA GLY C 214 15.46 42.51 18.78
C GLY C 214 16.39 41.32 18.63
N SER C 215 17.68 41.58 18.50
CA SER C 215 18.69 40.52 18.52
C SER C 215 19.79 40.73 19.55
N LYS C 216 20.01 41.96 20.03
CA LYS C 216 21.03 42.21 21.04
C LYS C 216 20.63 41.57 22.37
N THR C 217 21.61 40.98 23.05
CA THR C 217 21.37 40.37 24.34
C THR C 217 21.34 41.41 25.43
N LEU C 218 20.53 41.14 26.46
CA LEU C 218 20.44 42.03 27.62
C LEU C 218 20.92 41.32 28.87
N ARG C 219 20.16 40.36 29.38
CA ARG C 219 20.55 39.55 30.53
C ARG C 219 20.60 38.09 30.10
N GLY C 220 21.73 37.44 30.35
CA GLY C 220 21.93 36.06 29.93
C GLY C 220 21.20 35.06 30.78
N ARG C 221 21.76 33.85 30.85
CA ARG C 221 21.16 32.77 31.64
C ARG C 221 21.30 33.10 33.12
N ASP C 222 20.17 33.35 33.79
CA ASP C 222 20.16 33.73 35.20
C ASP C 222 19.05 32.96 35.91
N THR C 223 19.29 32.65 37.18
CA THR C 223 18.30 31.95 37.99
C THR C 223 17.05 32.80 38.22
N SER C 224 17.15 34.11 38.10
CA SER C 224 15.99 34.98 38.27
C SER C 224 15.07 34.87 37.06
N SER C 225 13.81 35.24 37.28
CA SER C 225 12.78 35.11 36.26
C SER C 225 12.24 36.46 35.78
N GLU C 226 12.85 37.56 36.19
CA GLU C 226 12.33 38.88 35.88
C GLU C 226 13.47 39.81 35.47
N TYR C 227 13.28 40.53 34.37
CA TYR C 227 14.19 41.57 33.95
C TYR C 227 13.72 42.89 34.52
N GLN C 228 14.60 43.59 35.25
CA GLN C 228 14.23 44.78 35.99
C GLN C 228 14.96 45.99 35.45
N ILE C 229 14.27 46.76 34.60
CA ILE C 229 14.75 48.09 34.24
C ILE C 229 14.33 49.05 35.36
N LEU C 230 15.29 49.86 35.82
CA LEU C 230 15.05 50.71 36.99
C LEU C 230 13.87 51.64 36.74
N THR C 231 13.96 52.43 35.68
CA THR C 231 12.90 53.37 35.33
C THR C 231 13.00 53.63 33.84
N ALA C 232 11.88 53.46 33.14
CA ALA C 232 11.91 53.21 31.69
C ALA C 232 12.03 54.49 30.88
N ARG C 233 13.13 54.60 30.12
CA ARG C 233 13.20 55.44 28.93
C ARG C 233 13.21 54.51 27.72
N ARG C 234 12.37 54.81 26.73
CA ARG C 234 11.99 53.78 25.76
C ARG C 234 12.97 53.62 24.60
N GLU C 235 14.29 53.66 24.84
CA GLU C 235 15.18 52.99 23.92
C GLU C 235 15.26 51.50 24.24
N ASP C 236 14.93 51.14 25.47
CA ASP C 236 14.68 49.74 25.85
C ASP C 236 13.23 49.38 25.51
N SER C 237 12.87 49.62 24.25
CA SER C 237 11.51 49.43 23.79
C SER C 237 11.53 48.75 22.43
N GLY C 238 10.43 48.07 22.12
CA GLY C 238 10.32 47.34 20.87
C GLY C 238 9.88 45.90 21.07
N LEU C 239 10.42 44.99 20.26
CA LEU C 239 10.07 43.59 20.31
C LEU C 239 10.95 42.88 21.34
N TYR C 240 10.36 42.53 22.48
CA TYR C 240 11.05 41.81 23.53
C TYR C 240 10.76 40.32 23.44
N TRP C 241 11.79 39.49 23.60
CA TRP C 241 11.66 38.04 23.53
C TRP C 241 12.38 37.39 24.69
N CYS C 242 11.78 36.34 25.23
CA CYS C 242 12.36 35.55 26.32
C CYS C 242 12.69 34.15 25.83
N GLU C 243 13.53 33.46 26.60
CA GLU C 243 13.92 32.09 26.30
C GLU C 243 14.14 31.34 27.61
N ALA C 244 13.51 30.19 27.74
CA ALA C 244 13.65 29.32 28.91
C ALA C 244 14.20 27.98 28.48
N ALA C 245 15.13 27.44 29.27
CA ALA C 245 15.78 26.18 28.92
C ALA C 245 16.33 25.53 30.18
N THR C 246 16.78 24.29 30.02
CA THR C 246 17.52 23.61 31.06
C THR C 246 18.89 24.24 31.24
N GLU C 247 19.58 23.83 32.31
CA GLU C 247 20.96 24.28 32.49
C GLU C 247 21.85 23.73 31.39
N ASP C 248 21.56 22.52 30.91
CA ASP C 248 22.26 21.94 29.76
C ASP C 248 21.76 22.47 28.43
N GLY C 249 20.63 23.19 28.42
CA GLY C 249 20.11 23.78 27.21
C GLY C 249 19.60 22.79 26.17
N ASN C 250 19.39 21.53 26.54
CA ASN C 250 18.95 20.53 25.58
C ASN C 250 17.47 20.65 25.24
N VAL C 251 16.74 21.56 25.86
CA VAL C 251 15.37 21.88 25.45
C VAL C 251 15.18 23.38 25.61
N LEU C 252 14.95 24.08 24.50
CA LEU C 252 14.84 25.53 24.48
C LEU C 252 13.52 25.92 23.82
N LYS C 253 12.88 26.96 24.35
CA LYS C 253 11.60 27.42 23.83
C LYS C 253 11.56 28.94 23.85
N ARG C 254 10.83 29.50 22.89
CA ARG C 254 10.84 30.94 22.63
C ARG C 254 9.55 31.58 23.16
N SER C 255 9.45 32.89 22.96
CA SER C 255 8.33 33.70 23.41
C SER C 255 7.71 34.46 22.25
N PRO C 256 6.45 34.89 22.38
CA PRO C 256 5.88 35.78 21.38
C PRO C 256 6.37 37.22 21.55
N GLU C 257 6.27 37.97 20.46
CA GLU C 257 6.78 39.35 20.44
C GLU C 257 5.90 40.24 21.30
N LEU C 258 6.52 40.86 22.32
CA LEU C 258 5.83 41.82 23.18
C LEU C 258 6.30 43.21 22.76
N GLU C 259 5.52 43.84 21.89
CA GLU C 259 5.82 45.19 21.42
C GLU C 259 5.56 46.18 22.55
N LEU C 260 6.62 46.58 23.25
CA LEU C 260 6.51 47.50 24.38
C LEU C 260 6.76 48.93 23.92
N GLN C 261 5.94 49.84 24.44
CA GLN C 261 6.04 51.26 24.13
C GLN C 261 5.96 52.05 25.43
N VAL C 262 6.97 52.85 25.71
CA VAL C 262 7.02 53.63 26.93
C VAL C 262 7.13 55.12 26.60
C1 NAG D . 8.54 -21.07 -5.68
C2 NAG D . 8.26 -19.59 -5.48
C3 NAG D . 6.86 -19.39 -4.93
C4 NAG D . 5.84 -20.04 -5.86
C5 NAG D . 6.20 -21.50 -6.10
C6 NAG D . 5.33 -22.16 -7.15
C7 NAG D . 9.98 -17.94 -4.95
C8 NAG D . 10.94 -17.43 -3.92
N2 NAG D . 9.24 -18.99 -4.60
O3 NAG D . 6.62 -18.00 -4.77
O4 NAG D . 4.52 -19.95 -5.30
O5 NAG D . 7.56 -21.63 -6.56
O6 NAG D . 4.92 -21.20 -8.12
O7 NAG D . 9.88 -17.42 -6.05
C1 NAG D . 3.87 -18.77 -5.81
C2 NAG D . 2.37 -19.01 -5.97
C3 NAG D . 1.67 -17.72 -6.38
C4 NAG D . 2.02 -16.57 -5.45
C5 NAG D . 3.54 -16.45 -5.31
C6 NAG D . 3.96 -15.43 -4.28
C7 NAG D . 1.37 -21.15 -6.67
C8 NAG D . 1.19 -22.11 -7.80
N2 NAG D . 2.10 -20.06 -6.94
O3 NAG D . 0.26 -17.94 -6.39
O4 NAG D . 1.53 -15.35 -6.01
O5 NAG D . 4.09 -17.70 -4.89
O6 NAG D . 5.37 -15.25 -4.28
O7 NAG D . 0.89 -21.35 -5.56
C1 BMA D . 0.26 -14.98 -5.44
C2 BMA D . 0.29 -13.45 -5.28
C3 BMA D . -1.09 -12.93 -4.92
C4 BMA D . -2.18 -13.49 -5.84
C5 BMA D . -2.11 -15.01 -5.85
C6 BMA D . -3.13 -15.61 -6.83
O2 BMA D . 0.65 -12.85 -6.52
O3 BMA D . -1.10 -11.52 -5.03
O4 BMA D . -3.45 -13.09 -5.38
O5 BMA D . -0.80 -15.40 -6.28
O6 BMA D . -2.56 -16.75 -7.49
C1 MAN D . -3.59 -17.36 -8.32
C2 MAN D . -3.51 -18.88 -8.09
C3 MAN D . -2.16 -19.35 -8.55
C4 MAN D . -1.94 -18.99 -10.03
C5 MAN D . -2.13 -17.47 -10.26
C6 MAN D . -2.19 -17.12 -11.73
O2 MAN D . -4.46 -19.58 -8.92
O3 MAN D . -2.01 -20.77 -8.37
O4 MAN D . -0.63 -19.36 -10.43
O5 MAN D . -3.38 -17.04 -9.68
O6 MAN D . -2.67 -15.79 -11.86
C1 NAG D . -5.54 -19.99 -8.05
C2 NAG D . -6.83 -20.00 -8.86
C3 NAG D . -7.98 -20.37 -7.94
C4 NAG D . -7.70 -21.68 -7.21
C5 NAG D . -6.27 -21.77 -6.64
C6 NAG D . -5.85 -23.18 -6.31
C7 NAG D . -6.67 -18.43 -10.74
C8 NAG D . -7.00 -17.06 -11.25
N2 NAG D . -7.08 -18.72 -9.50
O3 NAG D . -9.17 -20.46 -8.71
O4 NAG D . -8.61 -21.79 -6.12
O5 NAG D . -5.29 -21.28 -7.58
O6 NAG D . -6.00 -23.45 -4.93
O7 NAG D . -6.04 -19.25 -11.42
C1 GAL D . -9.31 -23.06 -6.07
C2 GAL D . -10.75 -22.81 -5.59
C3 GAL D . -11.54 -24.12 -5.55
C4 GAL D . -11.48 -24.81 -6.92
C5 GAL D . -10.02 -24.97 -7.32
C6 GAL D . -9.81 -25.57 -8.71
O2 GAL D . -10.77 -22.27 -4.28
O3 GAL D . -12.90 -23.88 -5.26
O4 GAL D . -12.15 -24.03 -7.89
O5 GAL D . -9.34 -23.70 -7.33
O6 GAL D . -8.49 -26.04 -8.90
C1 MAN D . -1.43 -10.96 -3.74
C2 MAN D . -1.98 -9.54 -4.02
C3 MAN D . -0.85 -8.61 -4.51
C4 MAN D . 0.40 -8.71 -3.61
C5 MAN D . 0.83 -10.17 -3.41
C6 MAN D . 1.96 -10.32 -2.42
O2 MAN D . -2.55 -8.96 -2.86
O3 MAN D . -1.30 -7.26 -4.59
O4 MAN D . 1.47 -7.99 -4.20
O5 MAN D . -0.29 -10.92 -2.91
O6 MAN D . 1.71 -11.48 -1.63
C1 NAG D . -3.97 -9.08 -2.97
C2 NAG D . -4.57 -9.00 -1.55
C3 NAG D . -6.09 -9.01 -1.62
C4 NAG D . -6.60 -7.95 -2.59
C5 NAG D . -5.93 -8.11 -3.95
C6 NAG D . -6.30 -7.02 -4.94
C7 NAG D . -2.89 -10.13 -0.14
C8 NAG D . -2.58 -11.35 0.68
N2 NAG D . -4.10 -10.10 -0.71
O3 NAG D . -6.63 -8.81 -0.32
O4 NAG D . -8.02 -8.05 -2.73
O5 NAG D . -4.51 -8.04 -3.78
O6 NAG D . -6.01 -7.44 -6.27
O7 NAG D . -2.08 -9.22 -0.28
C1 FUC D . 4.45 -21.86 -9.31
C2 FUC D . 4.38 -20.79 -10.41
C3 FUC D . 5.74 -20.12 -10.53
C4 FUC D . 6.86 -21.16 -10.83
C5 FUC D . 6.48 -22.65 -10.55
C6 FUC D . 6.27 -23.48 -11.82
O2 FUC D . 3.36 -19.83 -10.15
O3 FUC D . 5.71 -19.22 -11.62
O4 FUC D . 7.30 -21.03 -12.19
O5 FUC D . 5.31 -22.92 -9.69
C1 NAG E . 8.34 4.48 -0.97
C2 NAG E . 8.35 2.97 -1.28
C3 NAG E . 8.50 2.71 -2.78
C4 NAG E . 7.47 3.50 -3.57
C5 NAG E . 7.57 4.98 -3.19
C6 NAG E . 6.53 5.84 -3.87
C7 NAG E . 9.23 1.38 0.38
C8 NAG E . 10.46 0.80 1.00
N2 NAG E . 9.43 2.31 -0.55
O3 NAG E . 8.36 1.33 -3.01
O4 NAG E . 7.70 3.36 -4.97
O5 NAG E . 7.38 5.13 -1.78
O6 NAG E . 5.25 5.22 -3.87
O7 NAG E . 8.10 1.02 0.70
C1 NAG E . 6.87 2.32 -5.52
C2 NAG E . 6.44 2.74 -6.93
C3 NAG E . 5.64 1.61 -7.60
C4 NAG E . 6.40 0.28 -7.52
C5 NAG E . 6.84 0.00 -6.09
C6 NAG E . 7.74 -1.21 -5.97
C7 NAG E . 5.97 5.05 -7.59
C8 NAG E . 5.04 6.22 -7.45
N2 NAG E . 5.64 3.95 -6.90
O3 NAG E . 5.39 1.96 -8.95
O4 NAG E . 5.52 -0.77 -7.93
O5 NAG E . 7.60 1.11 -5.58
O6 NAG E . 8.00 -1.52 -4.61
O7 NAG E . 6.97 5.10 -8.31
C1 BMA E . 5.64 -1.09 -9.32
C2 BMA E . 5.55 -2.61 -9.45
C3 BMA E . 5.41 -3.03 -10.92
C4 BMA E . 4.34 -2.21 -11.63
C5 BMA E . 4.58 -0.72 -11.45
C6 BMA E . 3.47 0.12 -12.03
O2 BMA E . 4.39 -3.10 -8.78
O3 BMA E . 5.12 -4.41 -11.02
O4 BMA E . 4.36 -2.50 -13.01
O5 BMA E . 4.61 -0.45 -10.04
O6 BMA E . 3.52 1.42 -11.45
C1 MAN E . 2.55 2.28 -12.10
C2 MAN E . 3.07 3.72 -11.96
C3 MAN E . 3.02 4.13 -10.50
C4 MAN E . 1.60 3.94 -9.95
C5 MAN E . 1.15 2.49 -10.13
C6 MAN E . -0.31 2.29 -9.75
O2 MAN E . 2.21 4.64 -12.63
O3 MAN E . 3.46 5.47 -10.30
O4 MAN E . 1.57 4.28 -8.57
O5 MAN E . 1.26 2.12 -11.52
O6 MAN E . -0.75 1.06 -10.30
C1 NAG E . 2.68 4.79 -13.97
C2 NAG E . 1.50 5.26 -14.84
C3 NAG E . 1.97 5.51 -16.27
C4 NAG E . 3.22 6.40 -16.31
C5 NAG E . 4.27 5.88 -15.33
C6 NAG E . 5.46 6.81 -15.17
C7 NAG E . -0.60 4.33 -13.97
C8 NAG E . -1.60 3.24 -14.11
N2 NAG E . 0.43 4.28 -14.81
O3 NAG E . 0.90 6.11 -17.01
O4 NAG E . 3.76 6.35 -17.62
O5 NAG E . 3.70 5.74 -14.02
O6 NAG E . 5.05 8.16 -15.03
O7 NAG E . -0.72 5.21 -13.12
C1 GAL E . 3.95 7.67 -18.20
C2 GAL E . 4.24 7.48 -19.69
C3 GAL E . 4.43 8.84 -20.39
C4 GAL E . 3.24 9.77 -20.11
C5 GAL E . 3.00 9.83 -18.61
C6 GAL E . 1.75 10.63 -18.21
O2 GAL E . 5.43 6.74 -19.90
O3 GAL E . 4.50 8.67 -21.80
O4 GAL E . 2.08 9.28 -20.77
O5 GAL E . 2.82 8.51 -18.05
O6 GAL E . 1.82 11.09 -16.87
C1 MAN E . 6.21 -5.08 -11.69
C2 MAN E . 5.69 -6.44 -12.11
C3 MAN E . 5.32 -7.23 -10.87
C4 MAN E . 6.51 -7.34 -9.89
C5 MAN E . 7.09 -5.95 -9.58
C6 MAN E . 8.43 -6.03 -8.88
O2 MAN E . 6.71 -7.19 -12.76
O3 MAN E . 4.83 -8.53 -11.18
O4 MAN E . 6.07 -7.92 -8.67
O5 MAN E . 7.32 -5.21 -10.82
O6 MAN E . 8.44 -5.06 -7.84
C1 NAG E . 6.53 -7.09 -14.17
C2 NAG E . 7.94 -7.13 -14.82
C3 NAG E . 7.83 -7.22 -16.34
C4 NAG E . 6.86 -8.32 -16.77
C5 NAG E . 5.53 -8.14 -16.07
C6 NAG E . 4.52 -9.21 -16.37
C7 NAG E . 9.61 -5.93 -13.45
C8 NAG E . 10.29 -4.61 -13.22
N2 NAG E . 8.71 -5.96 -14.45
O3 NAG E . 9.12 -7.45 -16.88
O4 NAG E . 6.67 -8.28 -18.18
O5 NAG E . 5.75 -8.17 -14.65
O6 NAG E . 3.22 -8.85 -15.94
O7 NAG E . 9.85 -6.92 -12.77
C1 FUC E . 4.26 6.18 -3.44
C2 FUC E . 2.89 5.51 -3.60
C3 FUC E . 2.73 4.39 -2.59
C4 FUC E . 2.93 4.91 -1.17
C5 FUC E . 4.30 5.57 -1.07
C6 FUC E . 4.55 6.28 0.26
O2 FUC E . 2.68 5.05 -4.94
O3 FUC E . 1.41 3.85 -2.67
O4 FUC E . 1.91 5.85 -0.84
O5 FUC E . 4.48 6.58 -2.09
NA NA F . 22.22 4.79 1.07
NA NA G . 5.45 6.96 5.11
NA NA H . 19.53 -4.87 13.82
#